data_8VWT
#
_entry.id   8VWT
#
_cell.length_a   1.00
_cell.length_b   1.00
_cell.length_c   1.00
_cell.angle_alpha   90.00
_cell.angle_beta   90.00
_cell.angle_gamma   90.00
#
_symmetry.space_group_name_H-M   'P 1'
#
loop_
_entity.id
_entity.type
_entity.pdbx_description
1 polymer 'Histone H3.2'
2 polymer 'Histone H4'
3 polymer 'Histone H2A type 1'
4 polymer 'Histone H2B type 1-C/E/F/G/I'
5 polymer '601 I strand (non-damaged strand)'
6 polymer '601 J strand (damaged strand)'
7 polymer 'N-glycosylase/DNA lyase'
#
loop_
_entity_poly.entity_id
_entity_poly.type
_entity_poly.pdbx_seq_one_letter_code
_entity_poly.pdbx_strand_id
1 'polypeptide(L)'
;ARTKQTARKSTGGKAPRKQLATKAARKSAPATGGVKKPHRYRPGTVALREIRRYQKSTELLIRKLPFQRLVREIAQDFKT
DLRFQSSAVMALQEASEAYLVGLFEDTNLAAIHAKRVTIMPKDIQLARRIRGERA
;
E,A
2 'polypeptide(L)'
;SGRGKGGKGLGKGGAKRHRKVLRDNIQGITKPAIRRLARRGGVKRISGLIYEETRGVLKVFLENVIRDAVTYTEHAKRKT
VTAMDVVYALKRQGRTLYGFGG
;
F,B
3 'polypeptide(L)'
;SGRGKQGGKARAKAKTRSSRAGLQFPVGRVHRLLRKGNYAERVGAGAPVYLAAVLEYLTAEILELAGNAARDNKKTRIIP
RHLQLAIRNDEELNKLLGKVTIAQGGVLPNIQAVLLPKKTESHHKAKGK
;
G,C
4 'polypeptide(L)'
;PEPAKSAPAPKKGSKKAVTKAQKKDGKKRKRSRKESYSVYVYKVLKQVHPDTGISSKAMGIMNSFVNDIFERIAGEASRL
AHYNKRSTITSREIQTAVRLLLPGELAKHAVSEGTKAVTKYTSSK
;
H,D
5 'polydeoxyribonucleotide'
;(DA)(DT)(DC)(DG)(DA)(DG)(DA)(DA)(DT)(DC)(DC)(DC)(DG)(DG)(DT)(DG)(DC)(DC)(DG)(DA)
(DG)(DG)(DC)(DC)(DG)(DC)(DT)(DC)(DA)(DA)(DT)(DT)(DG)(DG)(DT)(DC)(DG)(DT)(DA)(DG)
(DA)(DC)(DA)(DG)(DC)(DT)(DC)(DT)(DA)(DG)(DC)(DA)(DC)(DC)(DG)(DC)(DT)(DT)(DA)(DA)
(DA)(DC)(DG)(DC)(DA)(DC)(DG)(DT)(DA)(DC)(DG)(DC)(DG)(DC)(DT)(DG)(DT)(DC)(DC)(DC)
(DC)(DC)(DG)(DC)(DG)(DT)(DT)(DT)(DT)(DA)(DA)(DC)(DC)(DG)(DC)(DC)(DA)(DA)(DG)(DG)
(DG)(DG)(DA)(DT)(DT)(DA)(DC)(DT)(DC)(DC)(DC)(DT)(DA)(DG)(DT)(DC)(DT)(DC)(DC)(DA)
(DG)(DG)(DC)(DA)(DC)(DG)(DT)(DG)(DT)(DC)(DA)(DG)(DA)(DT)(DC)(DT)(DA)(DT)(DA)(DC)
(DA)(DT)(DC)(DC)(DG)(DA)(DT)
;
I
6 'polydeoxyribonucleotide'
;(DA)(DT)(DC)(DG)(DG)(DA)(DT)(DG)(DT)(DA)(DT)(DA)(8OG)(DA)(DT)(DC)(DT)(DG)(DA)
(DC)(DA)(DC)(DG)(DT)(DG)(DC)(DC)(DT)(DG)(DG)(DA)(DG)(DA)(DC)(DT)(DA)(DG)(DG)(DG)
(DA)(DG)(DT)(DA)(DA)(DT)(DC)(DC)(DC)(DC)(DT)(DT)(DG)(DG)(DC)(DG)(DG)(DT)(DT)(DA)
(DA)(DA)(DA)(DC)(DG)(DC)(DG)(DG)(DG)(DG)(DG)(DA)(DC)(DA)(DG)(DC)(DG)(DC)(DG)(DT)
(DA)(DC)(DG)(DT)(DG)(DC)(DG)(DT)(DT)(DT)(DA)(DA)(DG)(DC)(DG)(DG)(DT)(DG)(DC)(DT)
(DA)(DG)(DA)(DG)(DC)(DT)(DG)(DT)(DC)(DT)(DA)(DC)(DG)(DA)(DC)(DC)(DA)(DA)(DT)(DT)
(DG)(DA)(DG)(DC)(DG)(DG)(DC)(DC)(DT)(DC)(DG)(DG)(DC)(DA)(DC)(DC)(DG)(DG)(DG)(DA)
(DT)(DT)(DC)(DT)(DC)(DG)(DA)(DT)
;
J
7 'polypeptide(L)'
;MPARALLPRRMGHRTLASTPALWASIPCPRSELRLDLVLPSGQSFRWREQSPAHWSGVLADQVWTLTQTEEQLHCTVYRG
DKSQASRPTPDELEAVRKYFQLDVTLAQLYHHWGSVDSHFQEVAQKFQGVRLLRQDPIECLFSFICSSNNNIARITGMVE
RLCQAFGPRLIQLDDVTYHGFPSLQALAGPEVEAHLRKLGLGYRARYVSASARAILEEQGGLAWLQQLRESSYEEAHKAL
CILPGVGTQVADCICLMALDKPQAVPVDVHMWHIAQRDYSWHPTTSQAKGPSPQTNKELGNFFRSLWGPYAGWAQAVLFS
ADLRQSRHAQEPPAKRRKGSKGPEG
;
K
#
# COMPACT_ATOMS: atom_id res chain seq x y z
N PRO A 38 -9.09 -64.02 -22.83
CA PRO A 38 -8.21 -63.42 -23.86
C PRO A 38 -7.07 -62.62 -23.25
N HIS A 39 -6.53 -61.65 -24.00
CA HIS A 39 -5.42 -60.86 -23.49
C HIS A 39 -5.94 -59.48 -23.10
N ARG A 40 -5.79 -59.13 -21.82
CA ARG A 40 -6.22 -57.84 -21.31
C ARG A 40 -5.07 -57.22 -20.53
N TYR A 41 -4.68 -56.02 -20.91
CA TYR A 41 -3.62 -55.30 -20.21
C TYR A 41 -4.15 -54.81 -18.85
N ARG A 42 -3.33 -54.99 -17.83
CA ARG A 42 -3.66 -54.48 -16.50
C ARG A 42 -3.87 -52.96 -16.59
N PRO A 43 -4.90 -52.42 -15.94
CA PRO A 43 -5.16 -50.98 -16.03
C PRO A 43 -3.99 -50.15 -15.52
N GLY A 44 -3.69 -49.08 -16.27
CA GLY A 44 -2.59 -48.21 -15.92
C GLY A 44 -1.40 -48.34 -16.85
N THR A 45 -1.06 -49.56 -17.25
CA THR A 45 0.07 -49.76 -18.15
C THR A 45 -0.21 -49.18 -19.53
N VAL A 46 -1.44 -49.36 -20.04
CA VAL A 46 -1.81 -48.68 -21.27
C VAL A 46 -1.98 -47.19 -21.01
N ALA A 47 -2.28 -46.80 -19.77
CA ALA A 47 -2.34 -45.39 -19.42
C ALA A 47 -0.96 -44.77 -19.29
N LEU A 48 0.07 -45.56 -18.95
CA LEU A 48 1.43 -45.08 -19.04
C LEU A 48 1.93 -45.06 -20.47
N ARG A 49 1.49 -46.01 -21.29
CA ARG A 49 1.62 -45.84 -22.72
C ARG A 49 0.70 -44.71 -23.17
N GLU A 50 1.00 -44.17 -24.35
CA GLU A 50 0.43 -42.97 -24.96
C GLU A 50 0.92 -41.71 -24.25
N ILE A 51 1.43 -41.84 -23.02
CA ILE A 51 2.15 -40.71 -22.44
C ILE A 51 3.47 -40.54 -23.14
N ARG A 52 4.21 -41.64 -23.30
CA ARG A 52 5.42 -41.61 -24.11
C ARG A 52 5.12 -41.24 -25.55
N ARG A 53 4.06 -41.82 -26.11
CA ARG A 53 3.71 -41.57 -27.51
C ARG A 53 3.45 -40.09 -27.76
N TYR A 54 2.65 -39.44 -26.91
CA TYR A 54 2.29 -38.06 -27.17
C TYR A 54 3.39 -37.10 -26.71
N GLN A 55 4.22 -37.48 -25.75
CA GLN A 55 5.37 -36.65 -25.42
C GLN A 55 6.40 -36.65 -26.54
N LYS A 56 6.67 -37.83 -27.13
CA LYS A 56 7.51 -37.87 -28.31
C LYS A 56 6.84 -37.23 -29.53
N SER A 57 5.51 -37.24 -29.58
CA SER A 57 4.79 -36.69 -30.72
C SER A 57 4.85 -35.17 -30.73
N THR A 58 4.55 -34.60 -31.89
CA THR A 58 4.49 -33.14 -32.02
C THR A 58 3.28 -32.67 -32.83
N GLU A 59 2.27 -33.53 -32.94
CA GLU A 59 1.05 -33.10 -33.69
C GLU A 59 0.20 -32.18 -32.81
N LEU A 60 -1.07 -32.02 -33.16
CA LEU A 60 -1.90 -31.04 -32.48
C LEU A 60 -2.96 -31.63 -31.56
N LEU A 61 -3.26 -32.93 -31.67
CA LEU A 61 -4.09 -33.62 -30.68
C LEU A 61 -5.50 -33.07 -30.57
N ILE A 62 -5.86 -32.07 -31.37
CA ILE A 62 -7.17 -31.43 -31.32
C ILE A 62 -7.66 -31.28 -32.75
N ARG A 63 -8.91 -31.70 -32.99
CA ARG A 63 -9.49 -31.61 -34.33
C ARG A 63 -9.54 -30.15 -34.79
N LYS A 64 -9.13 -29.92 -36.03
CA LYS A 64 -8.92 -28.55 -36.51
C LYS A 64 -10.24 -27.84 -36.74
N LEU A 65 -11.20 -28.50 -37.37
CA LEU A 65 -12.46 -27.78 -37.65
C LEU A 65 -13.18 -27.42 -36.37
N PRO A 66 -13.42 -28.32 -35.41
CA PRO A 66 -14.08 -27.86 -34.17
C PRO A 66 -13.40 -26.67 -33.51
N PHE A 67 -12.07 -26.64 -33.50
CA PHE A 67 -11.37 -25.52 -32.90
C PHE A 67 -11.58 -24.24 -33.71
N GLN A 68 -11.54 -24.34 -35.04
CA GLN A 68 -11.78 -23.17 -35.88
C GLN A 68 -13.19 -22.62 -35.66
N ARG A 69 -14.17 -23.52 -35.58
CA ARG A 69 -15.54 -23.09 -35.34
C ARG A 69 -15.69 -22.48 -33.95
N LEU A 70 -15.01 -23.02 -32.95
CA LEU A 70 -15.02 -22.44 -31.62
C LEU A 70 -14.42 -21.03 -31.63
N VAL A 71 -13.31 -20.85 -32.34
CA VAL A 71 -12.68 -19.54 -32.43
C VAL A 71 -13.63 -18.55 -33.07
N ARG A 72 -14.29 -18.95 -34.15
CA ARG A 72 -15.22 -18.06 -34.82
C ARG A 72 -16.41 -17.72 -33.91
N GLU A 73 -16.91 -18.72 -33.19
CA GLU A 73 -18.01 -18.49 -32.25
C GLU A 73 -17.63 -17.48 -31.18
N ILE A 74 -16.42 -17.61 -30.63
CA ILE A 74 -15.97 -16.67 -29.62
C ILE A 74 -15.80 -15.28 -30.23
N ALA A 75 -15.27 -15.21 -31.45
CA ALA A 75 -15.08 -13.92 -32.11
C ALA A 75 -16.39 -13.23 -32.46
N GLN A 76 -17.49 -13.98 -32.56
CA GLN A 76 -18.78 -13.33 -32.81
C GLN A 76 -19.18 -12.38 -31.68
N ASP A 77 -18.83 -12.74 -30.44
CA ASP A 77 -19.20 -11.91 -29.30
C ASP A 77 -18.54 -10.54 -29.32
N PHE A 78 -17.44 -10.39 -30.07
CA PHE A 78 -16.69 -9.14 -30.12
C PHE A 78 -16.91 -8.37 -31.41
N LYS A 79 -17.21 -9.05 -32.51
CA LYS A 79 -17.52 -8.39 -33.78
C LYS A 79 -18.19 -9.39 -34.71
N THR A 80 -19.20 -8.93 -35.44
CA THR A 80 -19.82 -9.74 -36.46
C THR A 80 -19.01 -9.65 -37.76
N ASP A 81 -19.08 -10.74 -38.54
CA ASP A 81 -18.43 -10.83 -39.85
C ASP A 81 -16.92 -10.59 -39.75
N LEU A 82 -16.28 -11.50 -39.02
CA LEU A 82 -14.84 -11.49 -38.83
C LEU A 82 -14.20 -12.63 -39.61
N ARG A 83 -13.18 -12.30 -40.38
CA ARG A 83 -12.41 -13.28 -41.14
C ARG A 83 -11.14 -13.65 -40.38
N PHE A 84 -10.67 -14.86 -40.62
CA PHE A 84 -9.45 -15.37 -40.00
C PHE A 84 -8.54 -15.93 -41.07
N GLN A 85 -7.27 -15.54 -41.02
CA GLN A 85 -6.25 -16.24 -41.80
C GLN A 85 -6.07 -17.64 -41.24
N SER A 86 -5.64 -18.56 -42.11
CA SER A 86 -5.40 -19.93 -41.66
C SER A 86 -4.30 -19.98 -40.61
N SER A 87 -3.21 -19.24 -40.84
CA SER A 87 -2.12 -19.21 -39.89
C SER A 87 -2.54 -18.59 -38.56
N ALA A 88 -3.51 -17.68 -38.57
CA ALA A 88 -4.00 -17.10 -37.32
C ALA A 88 -4.69 -18.16 -36.46
N VAL A 89 -5.58 -18.95 -37.08
CA VAL A 89 -6.23 -20.03 -36.35
C VAL A 89 -5.20 -21.06 -35.89
N MET A 90 -4.19 -21.33 -36.72
CA MET A 90 -3.15 -22.28 -36.35
C MET A 90 -2.37 -21.79 -35.13
N ALA A 91 -2.01 -20.50 -35.11
CA ALA A 91 -1.28 -19.94 -33.98
C ALA A 91 -2.13 -19.94 -32.71
N LEU A 92 -3.41 -19.60 -32.84
CA LEU A 92 -4.31 -19.68 -31.70
C LEU A 92 -4.37 -21.10 -31.16
N GLN A 93 -4.43 -22.09 -32.06
CA GLN A 93 -4.44 -23.49 -31.64
C GLN A 93 -3.17 -23.85 -30.89
N GLU A 94 -2.00 -23.50 -31.44
CA GLU A 94 -0.74 -23.85 -30.81
C GLU A 94 -0.63 -23.22 -29.43
N ALA A 95 -1.00 -21.95 -29.31
CA ALA A 95 -0.93 -21.27 -28.01
C ALA A 95 -1.89 -21.91 -27.02
N SER A 96 -3.12 -22.22 -27.45
CA SER A 96 -4.11 -22.80 -26.56
C SER A 96 -3.65 -24.14 -26.01
N GLU A 97 -3.12 -25.01 -26.87
CA GLU A 97 -2.69 -26.32 -26.37
C GLU A 97 -1.40 -26.22 -25.56
N ALA A 98 -0.49 -25.30 -25.91
CA ALA A 98 0.68 -25.11 -25.06
C ALA A 98 0.27 -24.70 -23.65
N TYR A 99 -0.68 -23.76 -23.56
CA TYR A 99 -1.20 -23.34 -22.26
C TYR A 99 -1.87 -24.50 -21.55
N LEU A 100 -2.64 -25.32 -22.27
CA LEU A 100 -3.36 -26.41 -21.65
C LEU A 100 -2.40 -27.49 -21.13
N VAL A 101 -1.34 -27.79 -21.89
CA VAL A 101 -0.36 -28.77 -21.43
C VAL A 101 0.39 -28.26 -20.21
N GLY A 102 0.77 -26.97 -20.20
CA GLY A 102 1.41 -26.43 -19.02
C GLY A 102 0.51 -26.49 -17.80
N LEU A 103 -0.76 -26.14 -17.98
CA LEU A 103 -1.72 -26.22 -16.88
C LEU A 103 -1.87 -27.65 -16.39
N PHE A 104 -1.91 -28.61 -17.31
CA PHE A 104 -2.06 -30.01 -16.92
C PHE A 104 -0.83 -30.50 -16.17
N GLU A 105 0.35 -30.04 -16.56
CA GLU A 105 1.56 -30.39 -15.81
C GLU A 105 1.50 -29.85 -14.39
N ASP A 106 1.07 -28.59 -14.23
CA ASP A 106 0.97 -28.02 -12.90
C ASP A 106 -0.07 -28.75 -12.05
N THR A 107 -1.22 -29.09 -12.65
CA THR A 107 -2.23 -29.83 -11.91
C THR A 107 -1.77 -31.23 -11.57
N ASN A 108 -0.97 -31.85 -12.45
CA ASN A 108 -0.39 -33.15 -12.13
C ASN A 108 0.53 -33.05 -10.93
N LEU A 109 1.37 -32.03 -10.90
CA LEU A 109 2.23 -31.80 -9.74
C LEU A 109 1.40 -31.64 -8.48
N ALA A 110 0.29 -30.91 -8.58
CA ALA A 110 -0.62 -30.79 -7.45
C ALA A 110 -1.22 -32.14 -7.06
N ALA A 111 -1.55 -32.98 -8.06
CA ALA A 111 -2.21 -34.25 -7.79
C ALA A 111 -1.30 -35.22 -7.05
N ILE A 112 -0.06 -35.38 -7.53
CA ILE A 112 0.90 -36.17 -6.76
C ILE A 112 1.18 -35.52 -5.41
N HIS A 113 1.19 -34.18 -5.35
CA HIS A 113 1.44 -33.52 -4.08
C HIS A 113 0.39 -33.86 -3.04
N ALA A 114 -0.86 -34.03 -3.46
CA ALA A 114 -1.96 -34.34 -2.55
C ALA A 114 -2.08 -35.83 -2.26
N LYS A 115 -1.00 -36.59 -2.45
CA LYS A 115 -0.98 -38.04 -2.28
C LYS A 115 -2.03 -38.73 -3.15
N ARG A 116 -2.23 -38.22 -4.36
CA ARG A 116 -3.20 -38.75 -5.29
C ARG A 116 -2.53 -39.00 -6.64
N VAL A 117 -3.26 -39.67 -7.52
CA VAL A 117 -2.76 -39.97 -8.86
C VAL A 117 -3.69 -39.35 -9.89
N THR A 118 -4.98 -39.23 -9.54
CA THR A 118 -5.99 -38.75 -10.46
C THR A 118 -6.16 -37.24 -10.34
N ILE A 119 -6.30 -36.58 -11.49
CA ILE A 119 -6.61 -35.15 -11.49
C ILE A 119 -8.06 -34.96 -11.04
N MET A 120 -8.29 -33.89 -10.28
CA MET A 120 -9.60 -33.43 -9.88
C MET A 120 -9.72 -31.95 -10.18
N PRO A 121 -10.93 -31.41 -10.30
CA PRO A 121 -11.06 -29.95 -10.55
C PRO A 121 -10.43 -29.10 -9.47
N LYS A 122 -10.28 -29.63 -8.25
CA LYS A 122 -9.51 -28.95 -7.23
C LYS A 122 -8.11 -28.64 -7.71
N ASP A 123 -7.51 -29.54 -8.50
CA ASP A 123 -6.16 -29.33 -9.00
C ASP A 123 -6.14 -28.22 -10.04
N ILE A 124 -7.10 -28.23 -10.97
CA ILE A 124 -7.22 -27.16 -11.96
C ILE A 124 -7.32 -25.82 -11.28
N GLN A 125 -8.14 -25.73 -10.23
CA GLN A 125 -8.37 -24.44 -9.59
C GLN A 125 -7.19 -24.02 -8.74
N LEU A 126 -6.54 -24.97 -8.05
CA LEU A 126 -5.33 -24.65 -7.29
C LEU A 126 -4.23 -24.13 -8.20
N ALA A 127 -4.01 -24.80 -9.33
CA ALA A 127 -2.96 -24.37 -10.25
C ALA A 127 -3.27 -23.00 -10.83
N ARG A 128 -4.53 -22.77 -11.23
CA ARG A 128 -4.88 -21.47 -11.79
C ARG A 128 -4.74 -20.36 -10.74
N ARG A 129 -5.11 -20.64 -9.49
CA ARG A 129 -5.03 -19.61 -8.47
C ARG A 129 -3.59 -19.30 -8.08
N ILE A 130 -2.77 -20.34 -7.89
CA ILE A 130 -1.39 -20.12 -7.49
C ILE A 130 -0.60 -19.45 -8.61
N ARG A 131 -0.87 -19.83 -9.87
CA ARG A 131 -0.20 -19.17 -10.99
C ARG A 131 -0.58 -17.71 -11.10
N GLY A 132 -1.71 -17.31 -10.51
CA GLY A 132 -2.16 -15.94 -10.58
C GLY A 132 -3.18 -15.65 -11.66
N GLU A 133 -3.65 -16.67 -12.36
CA GLU A 133 -4.62 -16.44 -13.43
C GLU A 133 -5.96 -15.95 -12.88
N ARG A 134 -6.45 -16.60 -11.83
CA ARG A 134 -7.71 -16.18 -11.20
C ARG A 134 -7.81 -16.74 -9.79
N ARG B 23 -25.97 -21.74 -31.35
CA ARG B 23 -24.87 -22.41 -32.04
C ARG B 23 -23.71 -22.62 -31.07
N ASP B 24 -23.91 -23.57 -30.15
CA ASP B 24 -22.86 -23.91 -29.20
C ASP B 24 -21.81 -24.80 -29.85
N ASN B 25 -20.54 -24.43 -29.70
CA ASN B 25 -19.44 -25.16 -30.31
C ASN B 25 -18.32 -25.51 -29.33
N ILE B 26 -18.48 -25.24 -28.03
CA ILE B 26 -17.44 -25.59 -27.07
C ILE B 26 -17.34 -27.10 -26.94
N GLN B 27 -18.44 -27.83 -27.19
CA GLN B 27 -18.41 -29.28 -27.14
C GLN B 27 -17.58 -29.89 -28.26
N GLY B 28 -17.15 -29.08 -29.24
CA GLY B 28 -16.22 -29.56 -30.25
C GLY B 28 -14.88 -30.00 -29.70
N ILE B 29 -14.52 -29.51 -28.52
CA ILE B 29 -13.33 -30.00 -27.83
C ILE B 29 -13.72 -31.30 -27.14
N THR B 30 -13.50 -32.41 -27.82
CA THR B 30 -14.06 -33.69 -27.42
C THR B 30 -13.37 -34.25 -26.18
N LYS B 31 -13.97 -35.30 -25.63
CA LYS B 31 -13.37 -36.02 -24.51
C LYS B 31 -12.02 -36.65 -24.88
N PRO B 32 -11.88 -37.41 -25.97
CA PRO B 32 -10.57 -38.00 -26.27
C PRO B 32 -9.47 -36.97 -26.50
N ALA B 33 -9.77 -35.82 -27.12
CA ALA B 33 -8.74 -34.80 -27.31
C ALA B 33 -8.26 -34.25 -25.97
N ILE B 34 -9.18 -34.08 -25.03
CA ILE B 34 -8.81 -33.63 -23.69
C ILE B 34 -7.91 -34.67 -23.03
N ARG B 35 -8.24 -35.95 -23.21
CA ARG B 35 -7.39 -37.02 -22.69
C ARG B 35 -6.00 -36.96 -23.33
N ARG B 36 -5.94 -36.73 -24.63
CA ARG B 36 -4.65 -36.64 -25.31
C ARG B 36 -3.80 -35.50 -24.75
N LEU B 37 -4.42 -34.35 -24.53
CA LEU B 37 -3.69 -33.22 -23.95
C LEU B 37 -3.19 -33.55 -22.55
N ALA B 38 -4.03 -34.20 -21.74
CA ALA B 38 -3.60 -34.57 -20.40
C ALA B 38 -2.46 -35.59 -20.44
N ARG B 39 -2.51 -36.53 -21.40
CA ARG B 39 -1.45 -37.50 -21.53
C ARG B 39 -0.13 -36.83 -21.90
N ARG B 40 -0.18 -35.89 -22.84
CA ARG B 40 1.03 -35.11 -23.14
C ARG B 40 1.49 -34.33 -21.92
N GLY B 41 0.57 -33.92 -21.06
CA GLY B 41 0.96 -33.32 -19.80
C GLY B 41 1.64 -34.27 -18.83
N GLY B 42 1.48 -35.58 -19.05
CA GLY B 42 2.09 -36.55 -18.16
C GLY B 42 1.17 -36.98 -17.04
N VAL B 43 -0.01 -37.48 -17.41
CA VAL B 43 -1.09 -37.75 -16.47
C VAL B 43 -1.57 -39.18 -16.66
N LYS B 44 -1.79 -39.89 -15.55
CA LYS B 44 -2.28 -41.26 -15.63
C LYS B 44 -3.81 -41.33 -15.67
N ARG B 45 -4.48 -40.71 -14.70
CA ARG B 45 -5.92 -40.87 -14.54
C ARG B 45 -6.59 -39.50 -14.51
N ILE B 46 -7.74 -39.40 -15.17
CA ILE B 46 -8.49 -38.16 -15.29
C ILE B 46 -9.89 -38.38 -14.72
N SER B 47 -10.37 -37.39 -13.96
CA SER B 47 -11.74 -37.44 -13.44
C SER B 47 -12.71 -36.93 -14.49
N GLY B 48 -14.00 -37.22 -14.26
CA GLY B 48 -15.02 -36.82 -15.22
C GLY B 48 -15.20 -35.31 -15.24
N LEU B 49 -15.07 -34.68 -14.08
CA LEU B 49 -15.43 -33.24 -14.04
C LEU B 49 -14.35 -32.40 -14.74
N ILE B 50 -13.15 -32.95 -14.90
CA ILE B 50 -12.14 -32.28 -15.71
C ILE B 50 -12.61 -32.00 -17.13
N TYR B 51 -13.38 -32.92 -17.70
CA TYR B 51 -13.73 -32.83 -19.11
C TYR B 51 -14.62 -31.63 -19.43
N GLU B 52 -15.18 -30.98 -18.40
CA GLU B 52 -15.88 -29.71 -18.56
C GLU B 52 -15.12 -28.55 -17.94
N GLU B 53 -14.37 -28.79 -16.85
CA GLU B 53 -13.59 -27.74 -16.24
C GLU B 53 -12.54 -27.19 -17.20
N THR B 54 -11.85 -28.08 -17.93
CA THR B 54 -10.82 -27.60 -18.85
C THR B 54 -11.44 -26.98 -20.09
N ARG B 55 -12.65 -27.39 -20.49
CA ARG B 55 -13.34 -26.67 -21.55
C ARG B 55 -13.65 -25.23 -21.13
N GLY B 56 -14.11 -25.05 -19.89
CA GLY B 56 -14.33 -23.71 -19.40
C GLY B 56 -13.05 -22.89 -19.35
N VAL B 57 -11.95 -23.50 -18.90
CA VAL B 57 -10.67 -22.81 -18.83
C VAL B 57 -10.20 -22.40 -20.22
N LEU B 58 -10.32 -23.32 -21.19
CA LEU B 58 -9.93 -23.02 -22.57
C LEU B 58 -10.78 -21.91 -23.15
N LYS B 59 -12.09 -21.93 -22.86
CA LYS B 59 -12.95 -20.86 -23.33
C LYS B 59 -12.53 -19.51 -22.76
N VAL B 60 -12.19 -19.47 -21.47
CA VAL B 60 -11.75 -18.23 -20.83
C VAL B 60 -10.47 -17.71 -21.49
N PHE B 61 -9.49 -18.62 -21.68
CA PHE B 61 -8.22 -18.21 -22.27
C PHE B 61 -8.41 -17.72 -23.70
N LEU B 62 -9.22 -18.44 -24.49
CA LEU B 62 -9.46 -18.04 -25.87
C LEU B 62 -10.19 -16.70 -25.93
N GLU B 63 -11.14 -16.47 -25.02
CA GLU B 63 -11.81 -15.17 -24.97
C GLU B 63 -10.80 -14.07 -24.68
N ASN B 64 -9.92 -14.30 -23.70
CA ASN B 64 -8.91 -13.29 -23.35
C ASN B 64 -8.00 -12.96 -24.51
N VAL B 65 -7.56 -13.99 -25.26
CA VAL B 65 -6.62 -13.75 -26.36
C VAL B 65 -7.32 -13.10 -27.55
N ILE B 66 -8.49 -13.63 -27.92
CA ILE B 66 -9.20 -13.13 -29.10
C ILE B 66 -9.73 -11.72 -28.84
N ARG B 67 -9.96 -11.35 -27.58
CA ARG B 67 -10.29 -9.96 -27.27
C ARG B 67 -9.22 -9.01 -27.80
N ASP B 68 -7.97 -9.28 -27.44
CA ASP B 68 -6.87 -8.43 -27.88
C ASP B 68 -6.65 -8.54 -29.38
N ALA B 69 -6.80 -9.75 -29.94
CA ALA B 69 -6.61 -9.91 -31.38
C ALA B 69 -7.62 -9.08 -32.17
N VAL B 70 -8.90 -9.17 -31.80
CA VAL B 70 -9.94 -8.41 -32.48
C VAL B 70 -9.74 -6.92 -32.25
N THR B 71 -9.28 -6.53 -31.07
CA THR B 71 -9.05 -5.11 -30.81
C THR B 71 -7.92 -4.57 -31.69
N TYR B 72 -6.85 -5.36 -31.86
CA TYR B 72 -5.79 -4.98 -32.79
C TYR B 72 -6.33 -4.85 -34.21
N THR B 73 -7.20 -5.80 -34.61
CA THR B 73 -7.80 -5.74 -35.94
C THR B 73 -8.64 -4.48 -36.11
N GLU B 74 -9.40 -4.11 -35.08
CA GLU B 74 -10.18 -2.87 -35.10
C GLU B 74 -9.27 -1.66 -35.26
N HIS B 75 -8.22 -1.59 -34.44
CA HIS B 75 -7.30 -0.43 -34.54
C HIS B 75 -6.74 -0.35 -35.96
N ALA B 76 -6.36 -1.49 -36.54
CA ALA B 76 -5.77 -1.47 -37.87
C ALA B 76 -6.79 -1.27 -38.97
N LYS B 77 -8.07 -1.19 -38.61
CA LYS B 77 -9.19 -1.04 -39.55
C LYS B 77 -9.12 -2.06 -40.68
N ARG B 78 -8.99 -3.32 -40.30
CA ARG B 78 -9.13 -4.44 -41.21
C ARG B 78 -10.31 -5.30 -40.78
N LYS B 79 -10.66 -6.26 -41.63
CA LYS B 79 -11.72 -7.20 -41.35
C LYS B 79 -11.23 -8.64 -41.30
N THR B 80 -9.93 -8.87 -41.37
CA THR B 80 -9.34 -10.18 -41.21
C THR B 80 -8.42 -10.17 -40.00
N VAL B 81 -8.45 -11.26 -39.24
CA VAL B 81 -7.56 -11.43 -38.09
C VAL B 81 -6.32 -12.16 -38.58
N THR B 82 -5.21 -11.43 -38.69
CA THR B 82 -3.95 -12.03 -39.14
C THR B 82 -3.30 -12.81 -38.00
N ALA B 83 -2.34 -13.67 -38.37
CA ALA B 83 -1.57 -14.38 -37.37
C ALA B 83 -0.68 -13.44 -36.58
N MET B 84 -0.24 -12.35 -37.20
CA MET B 84 0.64 -11.41 -36.53
C MET B 84 -0.08 -10.73 -35.38
N ASP B 85 -1.38 -10.43 -35.57
CA ASP B 85 -2.19 -9.90 -34.47
C ASP B 85 -2.30 -10.90 -33.33
N VAL B 86 -2.44 -12.18 -33.64
CA VAL B 86 -2.49 -13.20 -32.59
C VAL B 86 -1.17 -13.28 -31.84
N VAL B 87 -0.05 -13.22 -32.57
CA VAL B 87 1.26 -13.26 -31.93
C VAL B 87 1.44 -12.06 -31.01
N TYR B 88 0.99 -10.89 -31.49
CA TYR B 88 1.05 -9.65 -30.66
C TYR B 88 0.20 -9.85 -29.41
N ALA B 89 -1.03 -10.35 -29.58
CA ALA B 89 -1.92 -10.50 -28.44
C ALA B 89 -1.35 -11.45 -27.41
N LEU B 90 -0.75 -12.56 -27.87
CA LEU B 90 -0.12 -13.50 -26.95
C LEU B 90 1.08 -12.89 -26.25
N LYS B 91 1.89 -12.13 -26.98
CA LYS B 91 3.04 -11.46 -26.38
C LYS B 91 2.59 -10.44 -25.32
N ARG B 92 1.45 -9.80 -25.56
CA ARG B 92 0.93 -8.82 -24.60
C ARG B 92 0.57 -9.48 -23.26
N GLN B 93 0.26 -10.76 -23.26
CA GLN B 93 -0.10 -11.47 -22.03
C GLN B 93 1.08 -12.23 -21.44
N GLY B 94 2.26 -12.12 -22.03
CA GLY B 94 3.44 -12.81 -21.52
C GLY B 94 3.66 -14.19 -22.10
N ARG B 95 2.73 -14.71 -22.89
CA ARG B 95 2.88 -16.02 -23.51
C ARG B 95 3.32 -15.82 -24.96
N THR B 96 4.57 -15.42 -25.13
CA THR B 96 5.12 -15.20 -26.46
C THR B 96 5.16 -16.52 -27.23
N LEU B 97 4.96 -16.45 -28.55
CA LEU B 97 4.91 -17.62 -29.40
C LEU B 97 5.90 -17.45 -30.55
N TYR B 98 6.75 -18.45 -30.78
CA TYR B 98 7.71 -18.41 -31.88
C TYR B 98 7.15 -19.21 -33.05
N GLY B 99 7.32 -18.69 -34.26
CA GLY B 99 7.02 -19.49 -35.43
C GLY B 99 6.17 -18.80 -36.47
N PHE B 100 5.63 -17.62 -36.14
CA PHE B 100 4.78 -16.88 -37.06
C PHE B 100 5.14 -15.42 -37.21
N GLY B 101 5.90 -14.83 -36.28
CA GLY B 101 6.31 -13.45 -36.38
C GLY B 101 7.04 -12.95 -35.15
N ARG C 11 -1.78 38.55 -29.26
CA ARG C 11 -1.78 37.68 -28.09
C ARG C 11 -2.96 37.98 -27.17
N ALA C 12 -3.79 36.98 -26.93
CA ALA C 12 -4.97 37.11 -26.08
C ALA C 12 -4.60 36.70 -24.65
N LYS C 13 -5.60 36.63 -23.78
CA LYS C 13 -5.38 36.17 -22.42
C LYS C 13 -4.91 34.72 -22.41
N ALA C 14 -3.89 34.43 -21.60
CA ALA C 14 -3.31 33.10 -21.58
C ALA C 14 -4.24 32.13 -20.87
N LYS C 15 -4.65 31.08 -21.58
CA LYS C 15 -5.49 30.03 -21.03
C LYS C 15 -4.83 28.68 -21.28
N THR C 16 -4.73 27.87 -20.24
CA THR C 16 -4.04 26.59 -20.34
C THR C 16 -4.88 25.58 -21.12
N ARG C 17 -4.18 24.64 -21.77
CA ARG C 17 -4.87 23.60 -22.51
C ARG C 17 -5.65 22.66 -21.60
N SER C 18 -5.22 22.52 -20.35
CA SER C 18 -5.95 21.66 -19.42
C SER C 18 -7.34 22.21 -19.11
N SER C 19 -7.48 23.53 -19.01
CA SER C 19 -8.77 24.13 -18.72
C SER C 19 -9.63 24.28 -19.97
N ARG C 20 -9.01 24.40 -21.14
CA ARG C 20 -9.78 24.42 -22.38
C ARG C 20 -10.55 23.11 -22.56
N ALA C 21 -9.97 21.99 -22.14
CA ALA C 21 -10.62 20.69 -22.22
C ALA C 21 -11.42 20.36 -20.97
N GLY C 22 -11.52 21.29 -20.03
CA GLY C 22 -12.24 21.02 -18.79
C GLY C 22 -11.60 19.92 -17.96
N LEU C 23 -10.28 19.96 -17.85
CA LEU C 23 -9.52 18.88 -17.24
C LEU C 23 -8.83 19.41 -15.99
N GLN C 24 -8.25 18.52 -15.21
CA GLN C 24 -7.43 18.91 -14.07
C GLN C 24 -5.98 18.49 -14.21
N PHE C 25 -5.73 17.28 -14.69
CA PHE C 25 -4.37 16.86 -15.00
C PHE C 25 -3.84 17.70 -16.16
N PRO C 26 -2.54 17.98 -16.18
CA PRO C 26 -2.01 18.88 -17.20
C PRO C 26 -1.96 18.21 -18.57
N VAL C 27 -2.05 19.05 -19.60
CA VAL C 27 -1.95 18.60 -20.97
C VAL C 27 -0.61 18.98 -21.59
N GLY C 28 -0.11 20.18 -21.27
CA GLY C 28 1.21 20.57 -21.75
C GLY C 28 2.31 19.69 -21.20
N ARG C 29 2.22 19.35 -19.91
CA ARG C 29 3.21 18.47 -19.29
C ARG C 29 3.20 17.09 -19.94
N VAL C 30 2.00 16.54 -20.16
CA VAL C 30 1.89 15.22 -20.77
C VAL C 30 2.40 15.25 -22.21
N HIS C 31 2.09 16.33 -22.94
CA HIS C 31 2.60 16.48 -24.30
C HIS C 31 4.12 16.53 -24.31
N ARG C 32 4.72 17.30 -23.39
CA ARG C 32 6.17 17.36 -23.32
C ARG C 32 6.77 16.00 -22.99
N LEU C 33 6.15 15.27 -22.06
CA LEU C 33 6.64 13.95 -21.70
C LEU C 33 6.56 12.99 -22.87
N LEU C 34 5.48 13.07 -23.65
CA LEU C 34 5.36 12.24 -24.85
C LEU C 34 6.43 12.60 -25.87
N ARG C 35 6.73 13.90 -26.02
CA ARG C 35 7.83 14.30 -26.90
C ARG C 35 9.16 13.75 -26.41
N LYS C 36 9.41 13.81 -25.10
CA LYS C 36 10.72 13.53 -24.55
C LYS C 36 10.88 12.10 -24.06
N GLY C 37 9.90 11.23 -24.34
CA GLY C 37 10.00 9.85 -23.93
C GLY C 37 10.45 8.97 -25.07
N ASN C 38 10.57 9.55 -26.26
CA ASN C 38 10.94 8.85 -27.48
C ASN C 38 10.02 7.66 -27.73
N TYR C 39 8.72 7.93 -27.68
CA TYR C 39 7.74 6.91 -28.03
C TYR C 39 7.45 6.87 -29.53
N ALA C 40 7.50 8.02 -30.20
CA ALA C 40 7.30 8.08 -31.64
C ALA C 40 7.87 9.38 -32.16
N GLU C 41 8.01 9.46 -33.48
CA GLU C 41 8.55 10.67 -34.11
C GLU C 41 7.62 11.85 -33.92
N ARG C 42 6.32 11.64 -34.07
CA ARG C 42 5.34 12.71 -34.02
C ARG C 42 4.22 12.34 -33.06
N VAL C 43 3.63 13.34 -32.42
CA VAL C 43 2.55 13.14 -31.48
C VAL C 43 1.39 14.05 -31.87
N GLY C 44 0.20 13.47 -32.01
CA GLY C 44 -0.96 14.23 -32.37
C GLY C 44 -1.40 15.18 -31.27
N ALA C 45 -2.17 16.20 -31.67
CA ALA C 45 -2.59 17.23 -30.72
C ALA C 45 -3.54 16.67 -29.67
N GLY C 46 -4.46 15.80 -30.07
CA GLY C 46 -5.46 15.29 -29.14
C GLY C 46 -4.96 14.18 -28.24
N ALA C 47 -3.83 13.56 -28.58
CA ALA C 47 -3.32 12.44 -27.78
C ALA C 47 -2.98 12.85 -26.34
N PRO C 48 -2.24 13.93 -26.08
CA PRO C 48 -2.02 14.30 -24.67
C PRO C 48 -3.30 14.63 -23.93
N VAL C 49 -4.28 15.25 -24.59
CA VAL C 49 -5.55 15.56 -23.94
C VAL C 49 -6.26 14.28 -23.53
N TYR C 50 -6.35 13.33 -24.47
CA TYR C 50 -7.00 12.05 -24.14
C TYR C 50 -6.28 11.38 -22.99
N LEU C 51 -4.97 11.23 -23.13
CA LEU C 51 -4.19 10.55 -22.10
C LEU C 51 -4.36 11.20 -20.74
N ALA C 52 -4.38 12.54 -20.70
CA ALA C 52 -4.60 13.24 -19.44
C ALA C 52 -5.99 12.95 -18.90
N ALA C 53 -6.99 12.86 -19.78
CA ALA C 53 -8.33 12.51 -19.34
C ALA C 53 -8.36 11.12 -18.73
N VAL C 54 -7.69 10.16 -19.36
CA VAL C 54 -7.65 8.80 -18.83
C VAL C 54 -6.95 8.78 -17.47
N LEU C 55 -5.84 9.51 -17.36
CA LEU C 55 -5.11 9.56 -16.10
C LEU C 55 -5.93 10.19 -14.99
N GLU C 56 -6.62 11.30 -15.29
CA GLU C 56 -7.44 11.93 -14.26
C GLU C 56 -8.61 11.04 -13.86
N TYR C 57 -9.22 10.34 -14.82
CA TYR C 57 -10.29 9.43 -14.46
C TYR C 57 -9.79 8.32 -13.54
N LEU C 58 -8.64 7.74 -13.86
CA LEU C 58 -8.10 6.68 -13.02
C LEU C 58 -7.76 7.21 -11.63
N THR C 59 -7.19 8.43 -11.57
CA THR C 59 -6.88 9.04 -10.28
C THR C 59 -8.13 9.32 -9.47
N ALA C 60 -9.19 9.79 -10.14
CA ALA C 60 -10.45 10.03 -9.44
C ALA C 60 -11.03 8.73 -8.91
N GLU C 61 -10.94 7.66 -9.69
CA GLU C 61 -11.44 6.36 -9.23
C GLU C 61 -10.70 5.88 -7.99
N ILE C 62 -9.36 5.89 -8.05
CA ILE C 62 -8.59 5.38 -6.91
C ILE C 62 -8.76 6.29 -5.70
N LEU C 63 -8.90 7.61 -5.93
CA LEU C 63 -9.09 8.53 -4.82
C LEU C 63 -10.47 8.42 -4.21
N GLU C 64 -11.50 8.15 -5.01
CA GLU C 64 -12.83 7.85 -4.48
C GLU C 64 -12.78 6.62 -3.58
N LEU C 65 -12.16 5.55 -4.06
CA LEU C 65 -12.07 4.34 -3.26
C LEU C 65 -11.27 4.59 -1.98
N ALA C 66 -10.18 5.33 -2.08
CA ALA C 66 -9.35 5.63 -0.92
C ALA C 66 -10.11 6.48 0.10
N GLY C 67 -10.86 7.47 -0.37
CA GLY C 67 -11.65 8.28 0.53
C GLY C 67 -12.75 7.49 1.22
N ASN C 68 -13.39 6.58 0.48
CA ASN C 68 -14.38 5.71 1.10
C ASN C 68 -13.75 4.83 2.17
N ALA C 69 -12.57 4.26 1.87
CA ALA C 69 -11.88 3.42 2.86
C ALA C 69 -11.48 4.23 4.08
N ALA C 70 -11.00 5.47 3.87
CA ALA C 70 -10.61 6.33 4.98
C ALA C 70 -11.81 6.68 5.85
N ARG C 71 -12.95 7.00 5.22
CA ARG C 71 -14.15 7.29 5.98
C ARG C 71 -14.62 6.08 6.76
N ASP C 72 -14.45 4.88 6.19
CA ASP C 72 -14.82 3.66 6.90
C ASP C 72 -13.96 3.44 8.14
N ASN C 73 -12.70 3.90 8.10
CA ASN C 73 -11.79 3.74 9.21
C ASN C 73 -11.77 4.94 10.15
N LYS C 74 -12.63 5.94 9.91
CA LYS C 74 -12.72 7.15 10.72
C LYS C 74 -11.40 7.90 10.77
N LYS C 75 -10.70 7.94 9.63
CA LYS C 75 -9.48 8.71 9.46
C LYS C 75 -9.72 9.80 8.43
N THR C 76 -9.37 11.04 8.78
CA THR C 76 -9.58 12.14 7.87
C THR C 76 -8.57 12.14 6.72
N ARG C 77 -7.31 11.85 7.03
CA ARG C 77 -6.26 11.85 6.03
C ARG C 77 -6.08 10.45 5.44
N ILE C 78 -5.55 10.40 4.22
CA ILE C 78 -5.39 9.16 3.48
C ILE C 78 -3.95 8.69 3.60
N ILE C 79 -3.76 7.46 4.07
CA ILE C 79 -2.45 6.88 4.26
C ILE C 79 -2.26 5.75 3.26
N PRO C 80 -1.05 5.21 3.07
CA PRO C 80 -0.88 4.10 2.12
C PRO C 80 -1.73 2.88 2.39
N ARG C 81 -2.06 2.61 3.66
CA ARG C 81 -2.88 1.45 3.98
C ARG C 81 -4.25 1.56 3.32
N HIS C 82 -4.84 2.76 3.34
CA HIS C 82 -6.13 2.96 2.69
C HIS C 82 -6.03 2.78 1.18
N LEU C 83 -4.93 3.25 0.58
CA LEU C 83 -4.72 3.06 -0.85
C LEU C 83 -4.65 1.58 -1.20
N GLN C 84 -3.87 0.81 -0.44
CA GLN C 84 -3.71 -0.61 -0.72
C GLN C 84 -5.03 -1.35 -0.52
N LEU C 85 -5.75 -1.04 0.55
CA LEU C 85 -7.03 -1.69 0.80
C LEU C 85 -8.02 -1.36 -0.30
N ALA C 86 -8.04 -0.11 -0.77
CA ALA C 86 -8.92 0.27 -1.87
C ALA C 86 -8.58 -0.48 -3.16
N ILE C 87 -7.28 -0.61 -3.46
CA ILE C 87 -6.87 -1.35 -4.65
C ILE C 87 -7.30 -2.81 -4.55
N ARG C 88 -7.07 -3.43 -3.39
CA ARG C 88 -7.34 -4.86 -3.27
C ARG C 88 -8.83 -5.17 -3.20
N ASN C 89 -9.64 -4.27 -2.63
CA ASN C 89 -11.06 -4.53 -2.51
C ASN C 89 -11.76 -4.51 -3.88
N ASP C 90 -11.37 -3.56 -4.73
CA ASP C 90 -11.99 -3.44 -6.05
C ASP C 90 -11.39 -4.48 -6.98
N GLU C 91 -12.25 -5.13 -7.77
CA GLU C 91 -11.79 -6.20 -8.65
C GLU C 91 -11.00 -5.66 -9.84
N GLU C 92 -11.51 -4.61 -10.49
CA GLU C 92 -10.89 -4.12 -11.71
C GLU C 92 -9.53 -3.52 -11.44
N LEU C 93 -9.41 -2.70 -10.38
CA LEU C 93 -8.13 -2.12 -10.02
C LEU C 93 -7.14 -3.19 -9.59
N ASN C 94 -7.60 -4.20 -8.85
CA ASN C 94 -6.75 -5.32 -8.49
C ASN C 94 -6.21 -6.02 -9.73
N LYS C 95 -7.06 -6.20 -10.74
CA LYS C 95 -6.59 -6.75 -12.01
C LYS C 95 -5.58 -5.84 -12.67
N LEU C 96 -5.79 -4.53 -12.59
CA LEU C 96 -4.86 -3.58 -13.21
C LEU C 96 -3.54 -3.54 -12.46
N LEU C 97 -3.58 -3.61 -11.13
CA LEU C 97 -2.39 -3.48 -10.29
C LEU C 97 -2.09 -4.79 -9.56
N GLY C 98 -2.24 -5.92 -10.25
CA GLY C 98 -1.94 -7.20 -9.64
C GLY C 98 -0.46 -7.40 -9.36
N LYS C 99 0.38 -6.95 -10.28
CA LYS C 99 1.83 -7.17 -10.20
C LYS C 99 2.55 -6.03 -9.51
N VAL C 100 1.83 -5.18 -8.78
CA VAL C 100 2.39 -3.96 -8.20
C VAL C 100 2.29 -4.04 -6.68
N THR C 101 3.38 -3.71 -5.99
CA THR C 101 3.43 -3.68 -4.55
C THR C 101 3.30 -2.24 -4.06
N ILE C 102 2.39 -2.03 -3.10
CA ILE C 102 2.23 -0.73 -2.47
C ILE C 102 3.18 -0.66 -1.28
N ALA C 103 4.01 0.39 -1.26
CA ALA C 103 4.95 0.56 -0.15
C ALA C 103 4.20 0.77 1.15
N GLN C 104 4.60 0.01 2.18
CA GLN C 104 3.93 -0.08 3.48
C GLN C 104 2.40 0.03 3.36
N GLY C 105 1.85 -0.83 2.51
CA GLY C 105 0.42 -0.86 2.30
C GLY C 105 -0.29 -1.96 3.08
N GLY C 106 0.46 -2.95 3.52
CA GLY C 106 -0.14 -4.07 4.21
C GLY C 106 -0.81 -5.05 3.25
N VAL C 107 -1.55 -5.98 3.83
CA VAL C 107 -2.19 -7.05 3.08
C VAL C 107 -3.68 -7.03 3.43
N LEU C 108 -4.49 -7.62 2.56
CA LEU C 108 -5.94 -7.62 2.73
C LEU C 108 -6.34 -8.62 3.80
N PRO C 109 -7.09 -8.21 4.82
CA PRO C 109 -7.45 -9.14 5.91
C PRO C 109 -8.34 -10.26 5.41
N ASN C 110 -7.82 -11.49 5.49
CA ASN C 110 -8.60 -12.67 5.17
C ASN C 110 -7.95 -13.89 5.81
N ILE C 111 -8.80 -14.83 6.25
CA ILE C 111 -8.36 -16.10 6.81
C ILE C 111 -9.14 -17.20 6.12
N GLN C 112 -8.44 -18.27 5.72
CA GLN C 112 -9.11 -19.37 5.05
C GLN C 112 -10.09 -20.06 5.99
N ALA C 113 -11.24 -20.48 5.43
CA ALA C 113 -12.34 -20.99 6.26
C ALA C 113 -11.96 -22.26 6.99
N VAL C 114 -11.05 -23.06 6.41
CA VAL C 114 -10.63 -24.30 7.04
C VAL C 114 -9.94 -24.02 8.37
N LEU C 115 -9.15 -22.94 8.42
CA LEU C 115 -8.35 -22.64 9.61
C LEU C 115 -9.22 -22.25 10.81
N LEU C 116 -10.43 -21.75 10.57
CA LEU C 116 -11.27 -21.29 11.67
C LEU C 116 -11.68 -22.45 12.57
N PRO C 117 -11.83 -22.21 13.87
CA PRO C 117 -12.18 -23.28 14.81
C PRO C 117 -13.56 -23.86 14.55
N LYS C 118 -13.78 -25.03 15.13
CA LYS C 118 -15.09 -25.68 15.12
C LYS C 118 -15.89 -25.26 16.36
N LYS C 119 -17.21 -25.16 16.18
CA LYS C 119 -18.09 -24.84 17.29
C LYS C 119 -18.41 -26.10 18.09
N LYS D 30 17.34 26.68 -4.36
CA LYS D 30 16.85 25.95 -5.51
C LYS D 30 17.29 24.49 -5.45
N ARG D 31 16.42 23.59 -5.92
CA ARG D 31 16.79 22.19 -6.04
C ARG D 31 16.24 21.69 -7.38
N SER D 32 16.38 22.51 -8.42
CA SER D 32 16.02 22.19 -9.80
C SER D 32 14.52 22.01 -9.99
N ARG D 33 14.06 22.12 -11.23
CA ARG D 33 12.65 21.90 -11.56
C ARG D 33 12.40 20.39 -11.67
N LYS D 34 11.94 19.79 -10.57
CA LYS D 34 11.49 18.40 -10.57
C LYS D 34 9.97 18.39 -10.66
N GLU D 35 9.45 17.72 -11.68
CA GLU D 35 8.06 17.87 -12.09
C GLU D 35 7.23 16.74 -11.47
N SER D 36 6.41 17.08 -10.48
CA SER D 36 5.58 16.12 -9.78
C SER D 36 4.10 16.43 -9.99
N TYR D 37 3.27 15.38 -10.02
CA TYR D 37 1.81 15.43 -10.18
C TYR D 37 1.06 15.75 -8.87
N SER D 38 1.81 16.13 -7.83
CA SER D 38 1.23 16.36 -6.47
C SER D 38 0.05 17.31 -6.51
N VAL D 39 0.23 18.49 -7.11
CA VAL D 39 -0.82 19.51 -7.10
C VAL D 39 -2.06 19.03 -7.85
N TYR D 40 -1.86 18.35 -8.99
CA TYR D 40 -2.98 17.86 -9.77
C TYR D 40 -3.77 16.80 -9.00
N VAL D 41 -3.04 15.91 -8.32
CA VAL D 41 -3.70 14.89 -7.52
C VAL D 41 -4.48 15.53 -6.38
N TYR D 42 -3.89 16.56 -5.76
CA TYR D 42 -4.57 17.26 -4.68
C TYR D 42 -5.86 17.92 -5.19
N LYS D 43 -5.80 18.55 -6.36
CA LYS D 43 -6.98 19.17 -6.95
C LYS D 43 -8.09 18.15 -7.20
N VAL D 44 -7.71 17.00 -7.77
CA VAL D 44 -8.70 15.94 -8.01
C VAL D 44 -9.29 15.44 -6.70
N LEU D 45 -8.43 15.24 -5.69
CA LEU D 45 -8.89 14.76 -4.40
C LEU D 45 -9.88 15.71 -3.76
N LYS D 46 -9.63 17.02 -3.86
CA LYS D 46 -10.56 17.97 -3.26
C LYS D 46 -11.83 18.10 -4.09
N GLN D 47 -11.75 17.95 -5.42
CA GLN D 47 -12.98 17.95 -6.19
C GLN D 47 -13.81 16.69 -5.96
N VAL D 48 -13.20 15.63 -5.43
CA VAL D 48 -13.91 14.40 -5.14
C VAL D 48 -14.43 14.35 -3.70
N HIS D 49 -13.59 14.67 -2.73
CA HIS D 49 -13.95 14.72 -1.31
C HIS D 49 -13.38 16.01 -0.74
N PRO D 50 -14.18 17.07 -0.66
CA PRO D 50 -13.64 18.39 -0.30
C PRO D 50 -13.14 18.52 1.13
N ASP D 51 -13.16 17.46 1.94
CA ASP D 51 -12.79 17.59 3.35
C ASP D 51 -11.93 16.42 3.82
N THR D 52 -11.02 15.95 2.96
CA THR D 52 -10.09 14.88 3.33
C THR D 52 -8.69 15.26 2.89
N GLY D 53 -7.75 15.26 3.84
CA GLY D 53 -6.35 15.46 3.52
C GLY D 53 -5.69 14.18 3.06
N ILE D 54 -4.44 14.32 2.61
CA ILE D 54 -3.67 13.20 2.10
C ILE D 54 -2.21 13.35 2.54
N SER D 55 -1.59 12.23 2.92
CA SER D 55 -0.24 12.26 3.47
C SER D 55 0.81 12.25 2.35
N SER D 56 2.03 12.60 2.74
CA SER D 56 3.13 12.70 1.78
C SER D 56 3.47 11.35 1.17
N LYS D 57 3.40 10.27 1.97
CA LYS D 57 3.63 8.95 1.44
C LYS D 57 2.59 8.59 0.38
N ALA D 58 1.33 8.97 0.62
CA ALA D 58 0.29 8.73 -0.37
C ALA D 58 0.42 9.48 -1.68
N MET D 59 0.96 10.70 -1.57
CA MET D 59 1.22 11.50 -2.79
C MET D 59 2.37 10.86 -3.56
N GLY D 60 3.38 10.35 -2.85
CA GLY D 60 4.51 9.68 -3.48
C GLY D 60 3.98 8.47 -4.20
N ILE D 61 3.08 7.71 -3.56
CA ILE D 61 2.53 6.52 -4.18
C ILE D 61 1.66 6.89 -5.37
N MET D 62 0.84 7.94 -5.24
CA MET D 62 0.02 8.38 -6.37
C MET D 62 0.89 8.88 -7.51
N ASN D 63 1.98 9.58 -7.20
CA ASN D 63 2.88 10.05 -8.25
C ASN D 63 3.51 8.88 -8.99
N SER D 64 3.95 7.86 -8.25
CA SER D 64 4.51 6.68 -8.89
C SER D 64 3.45 5.94 -9.69
N PHE D 65 2.21 5.91 -9.19
CA PHE D 65 1.12 5.26 -9.89
C PHE D 65 0.82 5.93 -11.22
N VAL D 66 0.68 7.27 -11.21
CA VAL D 66 0.36 7.96 -12.45
C VAL D 66 1.53 7.90 -13.42
N ASN D 67 2.77 7.93 -12.93
CA ASN D 67 3.91 7.77 -13.82
C ASN D 67 3.94 6.36 -14.42
N ASP D 68 3.60 5.36 -13.63
CA ASP D 68 3.58 3.98 -14.11
C ASP D 68 2.53 3.81 -15.19
N ILE D 69 1.31 4.30 -14.93
CA ILE D 69 0.23 4.15 -15.91
C ILE D 69 0.53 4.96 -17.16
N PHE D 70 1.13 6.15 -17.01
CA PHE D 70 1.54 6.93 -18.17
C PHE D 70 2.55 6.17 -19.01
N GLU D 71 3.57 5.59 -18.38
CA GLU D 71 4.57 4.84 -19.12
C GLU D 71 3.96 3.63 -19.79
N ARG D 72 3.05 2.94 -19.10
CA ARG D 72 2.42 1.75 -19.64
C ARG D 72 1.59 2.08 -20.89
N ILE D 73 0.72 3.09 -20.78
CA ILE D 73 -0.14 3.46 -21.90
C ILE D 73 0.68 4.03 -23.05
N ALA D 74 1.66 4.88 -22.75
CA ALA D 74 2.47 5.47 -23.79
C ALA D 74 3.31 4.41 -24.51
N GLY D 75 3.89 3.47 -23.77
CA GLY D 75 4.63 2.40 -24.40
C GLY D 75 3.76 1.53 -25.28
N GLU D 76 2.56 1.20 -24.79
CA GLU D 76 1.67 0.38 -25.59
C GLU D 76 1.26 1.11 -26.87
N ALA D 77 0.94 2.40 -26.76
CA ALA D 77 0.58 3.18 -27.94
C ALA D 77 1.75 3.32 -28.90
N SER D 78 2.98 3.43 -28.38
CA SER D 78 4.15 3.44 -29.24
C SER D 78 4.29 2.11 -29.97
N ARG D 79 4.03 1.00 -29.27
CA ARG D 79 4.04 -0.29 -29.93
C ARG D 79 3.00 -0.36 -31.04
N LEU D 80 1.78 0.13 -30.78
CA LEU D 80 0.77 0.18 -31.84
C LEU D 80 1.23 1.02 -33.03
N ALA D 81 1.84 2.17 -32.77
CA ALA D 81 2.29 3.03 -33.86
C ALA D 81 3.34 2.34 -34.71
N HIS D 82 4.28 1.63 -34.07
CA HIS D 82 5.23 0.82 -34.82
C HIS D 82 4.55 -0.34 -35.52
N TYR D 83 3.56 -0.97 -34.90
CA TYR D 83 3.00 -2.14 -35.61
C TYR D 83 2.36 -1.73 -36.90
N ASN D 84 1.49 -0.72 -36.78
CA ASN D 84 0.79 -0.38 -38.02
C ASN D 84 1.68 0.32 -39.03
N LYS D 85 3.00 0.29 -38.83
CA LYS D 85 3.96 0.99 -39.68
C LYS D 85 3.67 2.49 -39.74
N ARG D 86 2.98 3.02 -38.72
CA ARG D 86 2.63 4.42 -38.68
C ARG D 86 3.83 5.26 -38.22
N SER D 87 3.61 6.57 -38.10
CA SER D 87 4.65 7.47 -37.64
C SER D 87 4.24 8.39 -36.51
N THR D 88 2.95 8.48 -36.19
CA THR D 88 2.49 9.40 -35.17
C THR D 88 1.54 8.71 -34.22
N ILE D 89 1.42 9.28 -33.02
CA ILE D 89 0.51 8.77 -32.00
C ILE D 89 -0.66 9.73 -31.94
N THR D 90 -1.75 9.40 -32.62
CA THR D 90 -2.97 10.19 -32.52
C THR D 90 -3.77 9.74 -31.30
N SER D 91 -4.98 10.29 -31.18
CA SER D 91 -5.85 9.94 -30.06
C SER D 91 -6.25 8.47 -30.09
N ARG D 92 -6.49 7.92 -31.28
CA ARG D 92 -7.03 6.57 -31.36
C ARG D 92 -6.02 5.50 -30.98
N GLU D 93 -4.71 5.76 -31.11
CA GLU D 93 -3.74 4.81 -30.57
C GLU D 93 -3.76 4.80 -29.05
N ILE D 94 -3.92 5.96 -28.42
CA ILE D 94 -4.08 5.98 -26.97
C ILE D 94 -5.37 5.28 -26.57
N GLN D 95 -6.41 5.44 -27.40
CA GLN D 95 -7.68 4.75 -27.15
C GLN D 95 -7.51 3.24 -27.20
N THR D 96 -6.80 2.75 -28.23
CA THR D 96 -6.54 1.32 -28.34
C THR D 96 -5.69 0.82 -27.18
N ALA D 97 -4.68 1.59 -26.78
CA ALA D 97 -3.85 1.19 -25.64
C ALA D 97 -4.67 1.12 -24.36
N VAL D 98 -5.61 2.05 -24.18
CA VAL D 98 -6.51 2.01 -23.04
C VAL D 98 -7.36 0.75 -23.07
N ARG D 99 -7.88 0.40 -24.24
CA ARG D 99 -8.72 -0.79 -24.34
C ARG D 99 -7.92 -2.07 -24.12
N LEU D 100 -6.65 -2.10 -24.51
CA LEU D 100 -5.82 -3.26 -24.17
C LEU D 100 -5.52 -3.32 -22.67
N LEU D 101 -5.11 -2.22 -22.07
CA LEU D 101 -4.59 -2.29 -20.71
C LEU D 101 -5.71 -2.32 -19.67
N LEU D 102 -6.61 -1.35 -19.72
CA LEU D 102 -7.62 -1.24 -18.67
C LEU D 102 -8.66 -2.35 -18.84
N PRO D 103 -9.04 -3.03 -17.76
CA PRO D 103 -9.93 -4.21 -17.88
C PRO D 103 -11.39 -3.83 -17.94
N GLY D 104 -12.02 -4.07 -19.10
CA GLY D 104 -13.46 -4.08 -19.20
C GLY D 104 -14.12 -2.73 -18.95
N GLU D 105 -15.04 -2.71 -17.98
CA GLU D 105 -15.86 -1.53 -17.73
C GLU D 105 -15.01 -0.34 -17.30
N LEU D 106 -13.87 -0.59 -16.68
CA LEU D 106 -12.92 0.48 -16.41
C LEU D 106 -12.45 1.13 -17.69
N ALA D 107 -12.12 0.31 -18.70
CA ALA D 107 -11.74 0.85 -19.99
C ALA D 107 -12.90 1.54 -20.68
N LYS D 108 -14.12 1.00 -20.52
CA LYS D 108 -15.30 1.63 -21.10
C LYS D 108 -15.46 3.05 -20.58
N HIS D 109 -15.46 3.21 -19.26
CA HIS D 109 -15.59 4.52 -18.64
C HIS D 109 -14.45 5.45 -19.04
N ALA D 110 -13.22 4.91 -19.05
CA ALA D 110 -12.07 5.73 -19.40
C ALA D 110 -12.16 6.25 -20.83
N VAL D 111 -12.51 5.36 -21.76
CA VAL D 111 -12.69 5.78 -23.19
C VAL D 111 -13.78 6.84 -23.25
N SER D 112 -14.93 6.60 -22.59
CA SER D 112 -16.05 7.52 -22.68
C SER D 112 -15.65 8.92 -22.21
N GLU D 113 -15.03 9.02 -21.04
CA GLU D 113 -14.65 10.33 -20.53
C GLU D 113 -13.51 10.95 -21.34
N GLY D 114 -12.62 10.12 -21.87
CA GLY D 114 -11.56 10.66 -22.70
C GLY D 114 -12.07 11.23 -24.00
N THR D 115 -13.04 10.56 -24.63
CA THR D 115 -13.64 11.12 -25.84
C THR D 115 -14.44 12.38 -25.52
N LYS D 116 -15.09 12.42 -24.35
CA LYS D 116 -15.72 13.66 -23.90
C LYS D 116 -14.70 14.80 -23.83
N ALA D 117 -13.54 14.53 -23.24
CA ALA D 117 -12.51 15.56 -23.12
C ALA D 117 -11.97 15.98 -24.48
N VAL D 118 -11.75 15.02 -25.39
CA VAL D 118 -11.23 15.37 -26.71
C VAL D 118 -12.23 16.20 -27.49
N THR D 119 -13.52 15.86 -27.43
CA THR D 119 -14.53 16.67 -28.11
C THR D 119 -14.60 18.07 -27.51
N LYS D 120 -14.51 18.17 -26.18
CA LYS D 120 -14.50 19.49 -25.54
C LYS D 120 -13.31 20.31 -26.01
N TYR D 121 -12.13 19.70 -26.09
CA TYR D 121 -10.94 20.39 -26.57
C TYR D 121 -11.08 20.83 -28.03
N THR D 122 -11.65 19.96 -28.88
CA THR D 122 -11.82 20.32 -30.28
C THR D 122 -12.87 21.42 -30.44
N SER D 123 -13.79 21.55 -29.50
CA SER D 123 -14.76 22.64 -29.57
C SER D 123 -14.20 23.91 -28.93
N SER D 124 -12.88 23.96 -28.79
CA SER D 124 -12.14 25.11 -28.26
C SER D 124 -12.69 25.60 -26.91
N PRO E 38 -5.28 -22.27 37.12
CA PRO E 38 -4.33 -21.61 36.21
C PRO E 38 -5.04 -20.86 35.07
N HIS E 39 -4.36 -20.73 33.93
CA HIS E 39 -4.94 -20.11 32.71
C HIS E 39 -4.03 -20.44 31.52
N ARG E 40 -4.44 -21.41 30.70
CA ARG E 40 -3.65 -21.79 29.49
C ARG E 40 -4.55 -21.73 28.25
N TYR E 41 -4.04 -21.13 27.16
CA TYR E 41 -4.83 -21.02 25.90
C TYR E 41 -4.62 -22.26 25.02
N ARG E 42 -5.62 -22.58 24.20
CA ARG E 42 -5.55 -23.74 23.31
C ARG E 42 -4.74 -23.37 22.06
N PRO E 43 -3.94 -24.31 21.53
CA PRO E 43 -2.99 -23.93 20.47
C PRO E 43 -3.60 -23.34 19.21
N GLY E 44 -4.90 -23.48 19.00
CA GLY E 44 -5.49 -22.84 17.85
C GLY E 44 -5.76 -21.36 17.99
N THR E 45 -5.75 -20.81 19.20
CA THR E 45 -6.20 -19.39 19.36
C THR E 45 -5.09 -18.37 19.10
N VAL E 46 -3.92 -18.52 19.73
CA VAL E 46 -2.87 -17.50 19.65
C VAL E 46 -2.26 -17.51 18.24
N ALA E 47 -2.79 -18.34 17.36
CA ALA E 47 -2.46 -18.23 15.95
C ALA E 47 -3.36 -17.21 15.24
N LEU E 48 -4.68 -17.44 15.28
CA LEU E 48 -5.63 -16.51 14.67
C LEU E 48 -5.54 -15.14 15.33
N ARG E 49 -5.37 -15.12 16.65
CA ARG E 49 -4.84 -13.93 17.29
C ARG E 49 -3.39 -13.80 16.88
N GLU E 50 -3.00 -12.57 16.52
CA GLU E 50 -1.78 -12.17 15.83
C GLU E 50 -1.81 -12.46 14.33
N ILE E 51 -2.67 -13.36 13.85
CA ILE E 51 -2.95 -13.34 12.42
C ILE E 51 -3.79 -12.13 12.07
N ARG E 52 -4.83 -11.89 12.86
CA ARG E 52 -5.60 -10.66 12.70
C ARG E 52 -4.74 -9.43 12.96
N ARG E 53 -3.85 -9.50 13.95
CA ARG E 53 -3.01 -8.36 14.29
C ARG E 53 -2.05 -8.00 13.16
N TYR E 54 -1.29 -8.97 12.65
CA TYR E 54 -0.37 -8.64 11.57
C TYR E 54 -1.05 -8.52 10.21
N GLN E 55 -2.34 -8.81 10.08
CA GLN E 55 -3.02 -8.34 8.88
C GLN E 55 -3.56 -6.93 9.02
N LYS E 56 -3.97 -6.53 10.23
CA LYS E 56 -4.40 -5.14 10.43
C LYS E 56 -3.21 -4.18 10.38
N SER E 57 -2.13 -4.51 11.07
CA SER E 57 -1.02 -3.59 11.23
C SER E 57 -0.14 -3.57 9.99
N THR E 58 0.73 -2.57 9.91
CA THR E 58 1.50 -2.30 8.70
C THR E 58 2.96 -1.99 9.05
N GLU E 59 3.56 -2.81 9.91
CA GLU E 59 4.99 -2.67 10.18
C GLU E 59 5.80 -3.37 9.10
N LEU E 60 7.09 -3.57 9.33
CA LEU E 60 7.94 -4.27 8.39
C LEU E 60 8.33 -5.67 8.83
N LEU E 61 8.06 -6.05 10.08
CA LEU E 61 8.10 -7.42 10.61
C LEU E 61 9.50 -8.02 10.67
N ILE E 62 10.53 -7.34 10.20
CA ILE E 62 11.91 -7.81 10.31
C ILE E 62 12.77 -6.67 10.80
N ARG E 63 13.60 -6.93 11.80
CA ARG E 63 14.49 -5.93 12.36
C ARG E 63 15.40 -5.35 11.28
N LYS E 64 15.55 -4.03 11.29
CA LYS E 64 16.17 -3.33 10.17
C LYS E 64 17.66 -3.65 10.05
N LEU E 65 18.41 -3.56 11.15
CA LEU E 65 19.85 -3.78 11.11
C LEU E 65 20.27 -5.17 10.65
N PRO E 66 19.66 -6.28 11.11
CA PRO E 66 20.05 -7.58 10.54
C PRO E 66 19.84 -7.66 9.04
N PHE E 67 18.74 -7.11 8.54
CA PHE E 67 18.49 -7.10 7.11
C PHE E 67 19.52 -6.24 6.38
N GLN E 68 19.91 -5.12 6.99
CA GLN E 68 20.93 -4.26 6.39
C GLN E 68 22.27 -4.99 6.30
N ARG E 69 22.66 -5.70 7.35
CA ARG E 69 23.91 -6.45 7.31
C ARG E 69 23.84 -7.58 6.28
N LEU E 70 22.68 -8.24 6.18
CA LEU E 70 22.52 -9.29 5.17
C LEU E 70 22.66 -8.73 3.77
N VAL E 71 22.03 -7.57 3.50
CA VAL E 71 22.13 -6.94 2.19
C VAL E 71 23.58 -6.58 1.90
N ARG E 72 24.29 -6.04 2.89
CA ARG E 72 25.70 -5.71 2.71
C ARG E 72 26.51 -6.94 2.35
N GLU E 73 26.29 -8.04 3.09
CA GLU E 73 27.05 -9.26 2.86
C GLU E 73 26.77 -9.84 1.48
N ILE E 74 25.51 -9.80 1.04
CA ILE E 74 25.18 -10.28 -0.30
C ILE E 74 25.82 -9.39 -1.36
N ALA E 75 25.78 -8.08 -1.15
CA ALA E 75 26.33 -7.16 -2.14
C ALA E 75 27.85 -7.19 -2.19
N GLN E 76 28.51 -7.75 -1.17
CA GLN E 76 29.95 -7.88 -1.20
C GLN E 76 30.42 -8.70 -2.41
N ASP E 77 29.68 -9.78 -2.73
CA ASP E 77 30.10 -10.67 -3.79
C ASP E 77 30.06 -10.00 -5.17
N PHE E 78 29.18 -9.01 -5.35
CA PHE E 78 29.07 -8.37 -6.64
C PHE E 78 29.98 -7.16 -6.79
N LYS E 79 30.27 -6.46 -5.68
CA LYS E 79 31.23 -5.37 -5.68
C LYS E 79 31.72 -5.20 -4.25
N THR E 80 32.96 -4.77 -4.12
CA THR E 80 33.57 -4.55 -2.82
C THR E 80 33.50 -3.08 -2.45
N ASP E 81 33.25 -2.82 -1.16
CA ASP E 81 33.14 -1.46 -0.61
C ASP E 81 32.03 -0.68 -1.32
N LEU E 82 30.82 -1.21 -1.22
CA LEU E 82 29.62 -0.53 -1.69
C LEU E 82 28.92 0.15 -0.52
N ARG E 83 28.30 1.29 -0.82
CA ARG E 83 27.63 2.10 0.19
C ARG E 83 26.16 2.25 -0.20
N PHE E 84 25.28 1.82 0.69
CA PHE E 84 23.85 1.75 0.41
C PHE E 84 23.12 2.95 0.97
N GLN E 85 22.31 3.59 0.13
CA GLN E 85 21.39 4.59 0.60
C GLN E 85 20.34 3.94 1.49
N SER E 86 19.98 4.60 2.59
CA SER E 86 19.05 4.03 3.56
C SER E 86 17.70 3.73 2.91
N SER E 87 17.27 4.58 1.98
CA SER E 87 16.03 4.33 1.24
C SER E 87 16.14 3.07 0.40
N ALA E 88 17.32 2.78 -0.15
CA ALA E 88 17.50 1.55 -0.92
C ALA E 88 17.32 0.32 -0.03
N VAL E 89 17.90 0.36 1.17
CA VAL E 89 17.74 -0.77 2.10
C VAL E 89 16.28 -0.91 2.51
N MET E 90 15.61 0.21 2.76
CA MET E 90 14.19 0.16 3.11
C MET E 90 13.36 -0.42 1.97
N ALA E 91 13.64 -0.02 0.73
CA ALA E 91 12.91 -0.55 -0.41
C ALA E 91 13.14 -2.04 -0.58
N LEU E 92 14.39 -2.48 -0.42
CA LEU E 92 14.68 -3.91 -0.49
C LEU E 92 13.94 -4.68 0.60
N GLN E 93 13.91 -4.13 1.82
CA GLN E 93 13.19 -4.80 2.90
C GLN E 93 11.71 -4.90 2.61
N GLU E 94 11.10 -3.80 2.15
CA GLU E 94 9.67 -3.81 1.88
C GLU E 94 9.31 -4.79 0.77
N ALA E 95 10.11 -4.80 -0.31
CA ALA E 95 9.86 -5.75 -1.40
C ALA E 95 10.02 -7.18 -0.94
N SER E 96 11.04 -7.46 -0.12
CA SER E 96 11.23 -8.81 0.40
C SER E 96 10.06 -9.22 1.28
N GLU E 97 9.55 -8.29 2.10
CA GLU E 97 8.40 -8.61 2.94
C GLU E 97 7.20 -8.97 2.08
N ALA E 98 6.93 -8.17 1.05
CA ALA E 98 5.80 -8.44 0.18
C ALA E 98 5.93 -9.78 -0.52
N TYR E 99 7.13 -10.08 -1.04
CA TYR E 99 7.36 -11.34 -1.72
C TYR E 99 7.17 -12.52 -0.78
N LEU E 100 7.71 -12.41 0.44
CA LEU E 100 7.61 -13.52 1.38
C LEU E 100 6.18 -13.73 1.86
N VAL E 101 5.42 -12.65 2.05
CA VAL E 101 4.02 -12.79 2.43
C VAL E 101 3.21 -13.44 1.32
N GLY E 102 3.45 -13.04 0.06
CA GLY E 102 2.77 -13.69 -1.05
C GLY E 102 3.11 -15.17 -1.15
N LEU E 103 4.40 -15.50 -0.99
CA LEU E 103 4.82 -16.89 -1.03
C LEU E 103 4.18 -17.68 0.11
N PHE E 104 4.06 -17.08 1.29
CA PHE E 104 3.44 -17.77 2.41
C PHE E 104 1.94 -17.97 2.20
N GLU E 105 1.27 -17.01 1.55
CA GLU E 105 -0.12 -17.22 1.18
C GLU E 105 -0.28 -18.41 0.24
N ASP E 106 0.58 -18.47 -0.79
CA ASP E 106 0.51 -19.59 -1.72
C ASP E 106 0.86 -20.91 -1.04
N THR E 107 1.83 -20.87 -0.13
CA THR E 107 2.20 -22.06 0.63
C THR E 107 1.05 -22.54 1.51
N ASN E 108 0.33 -21.61 2.14
CA ASN E 108 -0.82 -21.98 2.95
C ASN E 108 -1.91 -22.59 2.09
N LEU E 109 -2.16 -22.03 0.90
CA LEU E 109 -3.14 -22.62 0.00
C LEU E 109 -2.75 -24.04 -0.39
N ALA E 110 -1.47 -24.25 -0.72
CA ALA E 110 -1.01 -25.58 -1.08
C ALA E 110 -1.14 -26.56 0.08
N ALA E 111 -0.86 -26.09 1.30
CA ALA E 111 -1.01 -26.94 2.47
C ALA E 111 -2.46 -27.32 2.71
N ILE E 112 -3.37 -26.36 2.56
CA ILE E 112 -4.80 -26.66 2.74
C ILE E 112 -5.29 -27.62 1.67
N HIS E 113 -4.73 -27.51 0.46
CA HIS E 113 -5.13 -28.42 -0.62
C HIS E 113 -4.84 -29.87 -0.26
N ALA E 114 -3.76 -30.13 0.46
CA ALA E 114 -3.38 -31.48 0.85
C ALA E 114 -3.99 -31.92 2.17
N LYS E 115 -5.15 -31.35 2.54
CA LYS E 115 -5.84 -31.67 3.79
C LYS E 115 -4.95 -31.43 5.01
N ARG E 116 -4.13 -30.40 4.96
CA ARG E 116 -3.19 -30.07 6.01
C ARG E 116 -3.36 -28.62 6.45
N VAL E 117 -3.07 -28.37 7.72
CA VAL E 117 -3.03 -26.99 8.25
C VAL E 117 -1.62 -26.53 8.55
N THR E 118 -0.63 -27.42 8.50
CA THR E 118 0.77 -27.06 8.70
C THR E 118 1.42 -26.87 7.33
N ILE E 119 2.17 -25.80 7.17
CA ILE E 119 2.95 -25.61 5.96
C ILE E 119 4.26 -26.39 6.10
N MET E 120 4.55 -27.22 5.13
CA MET E 120 5.77 -28.01 5.04
C MET E 120 6.67 -27.43 3.94
N PRO E 121 7.97 -27.73 3.97
CA PRO E 121 8.83 -27.23 2.88
C PRO E 121 8.36 -27.67 1.50
N LYS E 122 7.88 -28.91 1.38
CA LYS E 122 7.36 -29.40 0.11
C LYS E 122 6.28 -28.48 -0.44
N ASP E 123 5.49 -27.87 0.45
CA ASP E 123 4.54 -26.84 0.03
C ASP E 123 5.25 -25.65 -0.61
N ILE E 124 6.37 -25.24 -0.02
CA ILE E 124 7.09 -24.06 -0.49
C ILE E 124 7.67 -24.32 -1.88
N GLN E 125 8.35 -25.45 -2.07
CA GLN E 125 8.85 -25.70 -3.42
C GLN E 125 7.73 -26.05 -4.40
N LEU E 126 6.60 -26.57 -3.95
CA LEU E 126 5.47 -26.75 -4.86
C LEU E 126 4.96 -25.41 -5.36
N ALA E 127 4.80 -24.45 -4.45
CA ALA E 127 4.33 -23.13 -4.83
C ALA E 127 5.33 -22.45 -5.75
N ARG E 128 6.63 -22.57 -5.46
CA ARG E 128 7.64 -21.98 -6.32
C ARG E 128 7.65 -22.62 -7.70
N ARG E 129 7.47 -23.95 -7.76
CA ARG E 129 7.44 -24.64 -9.05
C ARG E 129 6.23 -24.22 -9.87
N ILE E 130 5.07 -24.09 -9.24
CA ILE E 130 3.87 -23.68 -9.97
C ILE E 130 4.01 -22.25 -10.45
N ARG E 131 4.51 -21.35 -9.60
CA ARG E 131 4.65 -19.95 -9.98
C ARG E 131 5.67 -19.75 -11.10
N GLY E 132 6.61 -20.67 -11.26
CA GLY E 132 7.62 -20.56 -12.30
C GLY E 132 9.00 -20.14 -11.84
N GLU E 133 9.24 -20.10 -10.53
CA GLU E 133 10.55 -19.74 -10.00
C GLU E 133 11.51 -20.91 -9.95
N ARG E 134 11.05 -22.12 -10.29
CA ARG E 134 11.88 -23.31 -10.18
C ARG E 134 11.91 -24.09 -11.49
N LEU F 22 32.08 -9.08 6.35
CA LEU F 22 30.79 -9.52 6.86
C LEU F 22 30.49 -10.95 6.41
N ARG F 23 29.97 -11.76 7.32
CA ARG F 23 29.70 -13.17 7.04
C ARG F 23 28.67 -13.69 8.03
N ASP F 24 27.89 -14.67 7.58
CA ASP F 24 26.87 -15.34 8.38
C ASP F 24 25.86 -14.33 8.94
N ASN F 25 25.18 -13.65 8.02
CA ASN F 25 24.16 -12.69 8.38
C ASN F 25 22.74 -13.15 8.07
N ILE F 26 22.58 -14.26 7.33
CA ILE F 26 21.24 -14.79 7.08
C ILE F 26 20.58 -15.27 8.36
N GLN F 27 21.36 -15.61 9.39
CA GLN F 27 20.78 -15.96 10.66
C GLN F 27 20.20 -14.77 11.40
N GLY F 28 20.46 -13.55 10.92
CA GLY F 28 19.84 -12.37 11.50
C GLY F 28 18.34 -12.36 11.33
N ILE F 29 17.83 -13.04 10.31
CA ILE F 29 16.39 -13.19 10.11
C ILE F 29 15.94 -14.33 11.02
N THR F 30 15.55 -13.99 12.24
CA THR F 30 15.29 -14.99 13.25
C THR F 30 14.01 -15.77 12.93
N LYS F 31 13.83 -16.88 13.64
CA LYS F 31 12.60 -17.66 13.51
C LYS F 31 11.35 -16.87 13.86
N PRO F 32 11.31 -16.04 14.93
CA PRO F 32 10.10 -15.22 15.14
C PRO F 32 9.77 -14.27 13.99
N ALA F 33 10.77 -13.77 13.27
CA ALA F 33 10.47 -12.92 12.11
C ALA F 33 9.76 -13.72 11.03
N ILE F 34 10.21 -14.96 10.79
CA ILE F 34 9.55 -15.82 9.83
C ILE F 34 8.14 -16.16 10.29
N ARG F 35 7.97 -16.38 11.60
CA ARG F 35 6.65 -16.65 12.15
C ARG F 35 5.72 -15.48 11.95
N ARG F 36 6.20 -14.25 12.18
CA ARG F 36 5.36 -13.08 11.97
C ARG F 36 5.01 -12.90 10.49
N LEU F 37 5.97 -13.16 9.60
CA LEU F 37 5.68 -13.07 8.17
C LEU F 37 4.62 -14.08 7.76
N ALA F 38 4.72 -15.31 8.27
CA ALA F 38 3.72 -16.33 7.98
C ALA F 38 2.35 -15.94 8.54
N ARG F 39 2.33 -15.37 9.75
CA ARG F 39 1.07 -14.96 10.36
C ARG F 39 0.42 -13.86 9.53
N ARG F 40 1.21 -12.92 9.02
CA ARG F 40 0.67 -11.92 8.10
C ARG F 40 0.17 -12.58 6.82
N GLY F 41 0.85 -13.61 6.36
CA GLY F 41 0.45 -14.33 5.16
C GLY F 41 -0.69 -15.30 5.34
N GLY F 42 -1.35 -15.29 6.50
CA GLY F 42 -2.51 -16.13 6.72
C GLY F 42 -2.20 -17.54 7.15
N VAL F 43 -0.93 -17.86 7.41
CA VAL F 43 -0.55 -19.22 7.76
C VAL F 43 -0.84 -19.44 9.25
N LYS F 44 -1.50 -20.56 9.56
CA LYS F 44 -1.92 -20.84 10.92
C LYS F 44 -0.85 -21.53 11.75
N ARG F 45 -0.18 -22.53 11.18
CA ARG F 45 0.74 -23.37 11.94
C ARG F 45 1.97 -23.66 11.10
N ILE F 46 3.12 -23.80 11.77
CA ILE F 46 4.43 -23.79 11.14
C ILE F 46 5.15 -25.11 11.42
N SER F 47 5.80 -25.66 10.41
CA SER F 47 6.66 -26.83 10.58
C SER F 47 8.04 -26.39 11.08
N GLY F 48 9.01 -27.30 11.03
CA GLY F 48 10.34 -27.00 11.50
C GLY F 48 11.31 -26.57 10.42
N LEU F 49 11.20 -27.16 9.23
CA LEU F 49 12.12 -26.86 8.15
C LEU F 49 11.74 -25.60 7.37
N ILE F 50 10.59 -25.01 7.71
CA ILE F 50 10.13 -23.80 7.02
C ILE F 50 11.15 -22.68 7.16
N TYR F 51 11.77 -22.57 8.33
CA TYR F 51 12.71 -21.48 8.57
C TYR F 51 13.91 -21.57 7.65
N GLU F 52 14.54 -22.75 7.57
CA GLU F 52 15.68 -22.92 6.68
C GLU F 52 15.28 -22.72 5.22
N GLU F 53 14.13 -23.27 4.83
CA GLU F 53 13.70 -23.15 3.44
C GLU F 53 13.45 -21.70 3.06
N THR F 54 12.80 -20.93 3.94
CA THR F 54 12.51 -19.54 3.60
C THR F 54 13.75 -18.66 3.71
N ARG F 55 14.72 -19.02 4.54
CA ARG F 55 16.00 -18.32 4.51
C ARG F 55 16.69 -18.52 3.17
N GLY F 56 16.66 -19.76 2.65
CA GLY F 56 17.19 -20.00 1.32
C GLY F 56 16.45 -19.22 0.25
N VAL F 57 15.12 -19.19 0.33
CA VAL F 57 14.32 -18.46 -0.66
C VAL F 57 14.63 -16.96 -0.60
N LEU F 58 14.72 -16.42 0.62
CA LEU F 58 15.06 -15.00 0.77
C LEU F 58 16.45 -14.71 0.23
N LYS F 59 17.41 -15.59 0.47
CA LYS F 59 18.74 -15.39 -0.09
C LYS F 59 18.69 -15.38 -1.61
N VAL F 60 17.94 -16.30 -2.20
CA VAL F 60 17.87 -16.36 -3.67
C VAL F 60 17.24 -15.09 -4.22
N PHE F 61 16.11 -14.67 -3.64
CA PHE F 61 15.42 -13.48 -4.12
C PHE F 61 16.27 -12.23 -3.95
N LEU F 62 16.93 -12.09 -2.80
CA LEU F 62 17.76 -10.92 -2.56
C LEU F 62 18.97 -10.91 -3.49
N GLU F 63 19.57 -12.08 -3.75
CA GLU F 63 20.65 -12.14 -4.73
C GLU F 63 20.17 -11.68 -6.09
N ASN F 64 18.99 -12.15 -6.50
CA ASN F 64 18.45 -11.80 -7.81
C ASN F 64 18.22 -10.29 -7.94
N VAL F 65 17.68 -9.67 -6.89
CA VAL F 65 17.39 -8.23 -7.01
C VAL F 65 18.66 -7.40 -6.85
N ILE F 66 19.55 -7.80 -5.93
CA ILE F 66 20.76 -7.02 -5.66
C ILE F 66 21.73 -7.10 -6.83
N ARG F 67 21.79 -8.23 -7.55
CA ARG F 67 22.64 -8.29 -8.73
C ARG F 67 22.25 -7.23 -9.75
N ASP F 68 20.95 -7.11 -10.03
CA ASP F 68 20.48 -6.11 -10.98
C ASP F 68 20.67 -4.70 -10.44
N ALA F 69 20.46 -4.50 -9.14
CA ALA F 69 20.65 -3.18 -8.56
C ALA F 69 22.11 -2.73 -8.66
N VAL F 70 23.04 -3.64 -8.36
CA VAL F 70 24.45 -3.32 -8.43
C VAL F 70 24.87 -3.10 -9.88
N THR F 71 24.30 -3.87 -10.82
CA THR F 71 24.59 -3.65 -12.23
C THR F 71 24.11 -2.26 -12.67
N TYR F 72 22.92 -1.86 -12.24
CA TYR F 72 22.40 -0.53 -12.53
C TYR F 72 23.31 0.54 -11.97
N THR F 73 23.80 0.34 -10.74
CA THR F 73 24.71 1.30 -10.11
C THR F 73 26.02 1.41 -10.88
N GLU F 74 26.62 0.27 -11.21
CA GLU F 74 27.89 0.26 -11.94
C GLU F 74 27.77 0.93 -13.31
N HIS F 75 26.61 0.78 -13.97
CA HIS F 75 26.47 1.39 -15.29
C HIS F 75 26.49 2.91 -15.20
N ALA F 76 26.07 3.47 -14.07
CA ALA F 76 26.06 4.91 -13.85
C ALA F 76 27.38 5.44 -13.30
N LYS F 77 28.39 4.58 -13.17
CA LYS F 77 29.71 4.95 -12.65
C LYS F 77 29.60 5.58 -11.25
N ARG F 78 28.84 4.91 -10.39
CA ARG F 78 28.62 5.37 -9.03
C ARG F 78 29.03 4.29 -8.04
N LYS F 79 29.33 4.72 -6.82
CA LYS F 79 29.67 3.82 -5.73
C LYS F 79 28.57 3.73 -4.69
N THR F 80 27.44 4.40 -4.90
CA THR F 80 26.33 4.40 -3.96
C THR F 80 25.11 3.80 -4.64
N VAL F 81 24.54 2.76 -4.02
CA VAL F 81 23.34 2.10 -4.55
C VAL F 81 22.14 2.86 -4.00
N THR F 82 21.53 3.68 -4.85
CA THR F 82 20.37 4.47 -4.44
C THR F 82 19.10 3.64 -4.51
N ALA F 83 18.05 4.15 -3.87
CA ALA F 83 16.76 3.47 -3.91
C ALA F 83 16.19 3.42 -5.31
N MET F 84 16.56 4.38 -6.16
CA MET F 84 16.04 4.41 -7.52
C MET F 84 16.47 3.17 -8.31
N ASP F 85 17.74 2.78 -8.19
CA ASP F 85 18.22 1.58 -8.87
C ASP F 85 17.51 0.33 -8.36
N VAL F 86 17.29 0.25 -7.05
CA VAL F 86 16.56 -0.87 -6.47
C VAL F 86 15.14 -0.92 -7.04
N VAL F 87 14.50 0.25 -7.19
CA VAL F 87 13.15 0.30 -7.73
C VAL F 87 13.13 -0.21 -9.17
N TYR F 88 14.10 0.24 -9.97
CA TYR F 88 14.20 -0.19 -11.39
C TYR F 88 14.43 -1.69 -11.47
N ALA F 89 15.29 -2.21 -10.59
CA ALA F 89 15.58 -3.65 -10.57
C ALA F 89 14.35 -4.45 -10.20
N LEU F 90 13.58 -3.96 -9.23
CA LEU F 90 12.33 -4.64 -8.87
C LEU F 90 11.31 -4.56 -9.99
N LYS F 91 11.30 -3.45 -10.75
CA LYS F 91 10.43 -3.34 -11.91
C LYS F 91 10.80 -4.38 -12.97
N ARG F 92 12.10 -4.55 -13.23
CA ARG F 92 12.53 -5.61 -14.13
C ARG F 92 12.20 -6.99 -13.58
N GLN F 93 12.41 -7.19 -12.28
CA GLN F 93 12.16 -8.49 -11.68
C GLN F 93 10.69 -8.86 -11.78
N GLY F 94 9.81 -7.86 -11.74
CA GLY F 94 8.38 -8.10 -11.83
C GLY F 94 7.63 -7.86 -10.54
N ARG F 95 8.03 -6.81 -9.81
CA ARG F 95 7.33 -6.45 -8.59
C ARG F 95 6.82 -5.02 -8.64
N THR F 96 7.55 -4.14 -9.34
CA THR F 96 7.14 -2.76 -9.59
C THR F 96 6.70 -2.07 -8.29
N LEU F 97 7.69 -1.80 -7.44
CA LEU F 97 7.41 -1.32 -6.09
C LEU F 97 7.07 0.18 -6.15
N TYR F 98 5.87 0.53 -5.69
CA TYR F 98 5.49 1.93 -5.59
C TYR F 98 6.08 2.54 -4.32
N GLY F 99 5.82 3.82 -4.11
CA GLY F 99 6.36 4.46 -2.92
C GLY F 99 7.64 5.22 -3.20
N PHE F 100 8.78 4.56 -2.94
CA PHE F 100 10.09 5.17 -3.12
C PHE F 100 10.29 5.64 -4.55
N GLY F 101 10.36 6.95 -4.75
CA GLY F 101 10.51 7.54 -6.07
C GLY F 101 9.40 7.20 -7.04
N LYS G 15 35.63 -4.31 -46.11
CA LYS G 15 34.85 -3.09 -46.29
C LYS G 15 33.55 -3.15 -45.49
N THR G 16 32.91 -4.31 -45.50
CA THR G 16 31.67 -4.49 -44.76
C THR G 16 31.94 -4.44 -43.26
N ARG G 17 31.07 -3.73 -42.53
CA ARG G 17 31.23 -3.61 -41.09
C ARG G 17 31.06 -4.95 -40.37
N SER G 18 30.35 -5.89 -40.98
CA SER G 18 30.27 -7.23 -40.40
C SER G 18 31.61 -7.95 -40.51
N SER G 19 32.21 -7.93 -41.70
CA SER G 19 33.51 -8.57 -41.89
C SER G 19 34.60 -7.83 -41.14
N ARG G 20 34.53 -6.49 -41.12
CA ARG G 20 35.55 -5.70 -40.43
C ARG G 20 35.58 -5.98 -38.93
N ALA G 21 34.43 -6.33 -38.35
CA ALA G 21 34.36 -6.70 -36.95
C ALA G 21 34.51 -8.20 -36.73
N GLY G 22 34.75 -8.96 -37.78
CA GLY G 22 34.88 -10.41 -37.64
C GLY G 22 33.59 -11.09 -37.22
N LEU G 23 32.46 -10.65 -37.77
CA LEU G 23 31.15 -11.19 -37.45
C LEU G 23 30.51 -11.75 -38.72
N GLN G 24 29.35 -12.39 -38.55
CA GLN G 24 28.53 -12.79 -39.68
C GLN G 24 27.18 -12.11 -39.73
N PHE G 25 26.69 -11.55 -38.62
CA PHE G 25 25.44 -10.83 -38.61
C PHE G 25 25.62 -9.44 -39.20
N PRO G 26 24.58 -8.87 -39.82
CA PRO G 26 24.72 -7.60 -40.53
C PRO G 26 24.75 -6.42 -39.57
N VAL G 27 25.92 -5.80 -39.43
CA VAL G 27 26.04 -4.63 -38.57
C VAL G 27 25.18 -3.50 -39.10
N GLY G 28 25.15 -3.32 -40.42
CA GLY G 28 24.33 -2.27 -41.00
C GLY G 28 22.84 -2.43 -40.72
N ARG G 29 22.34 -3.66 -40.82
CA ARG G 29 20.91 -3.89 -40.58
C ARG G 29 20.53 -3.66 -39.13
N VAL G 30 21.36 -4.14 -38.19
CA VAL G 30 21.10 -3.90 -36.78
C VAL G 30 21.20 -2.40 -36.47
N HIS G 31 22.13 -1.71 -37.11
CA HIS G 31 22.25 -0.28 -36.89
C HIS G 31 21.05 0.49 -37.45
N ARG G 32 20.52 0.06 -38.59
CA ARG G 32 19.28 0.66 -39.09
C ARG G 32 18.16 0.43 -38.12
N LEU G 33 17.94 -0.83 -37.73
CA LEU G 33 16.85 -1.16 -36.82
C LEU G 33 16.98 -0.41 -35.50
N LEU G 34 18.21 -0.13 -35.07
CA LEU G 34 18.42 0.54 -33.77
C LEU G 34 17.92 1.99 -33.85
N ARG G 35 18.03 2.61 -35.03
CA ARG G 35 17.65 4.05 -35.18
C ARG G 35 16.18 4.19 -35.59
N LYS G 36 15.75 3.45 -36.62
CA LYS G 36 14.36 3.47 -37.02
C LYS G 36 13.46 3.22 -35.82
N GLY G 37 13.82 2.24 -34.99
CA GLY G 37 13.06 1.91 -33.79
C GLY G 37 13.01 3.01 -32.74
N ASN G 38 13.67 4.13 -33.02
CA ASN G 38 13.77 5.33 -32.17
C ASN G 38 13.84 4.99 -30.69
N TYR G 39 14.84 4.16 -30.36
CA TYR G 39 15.06 3.76 -28.98
C TYR G 39 15.69 4.87 -28.16
N ALA G 40 16.39 5.79 -28.81
CA ALA G 40 16.95 6.98 -28.17
C ALA G 40 17.19 8.00 -29.27
N GLU G 41 17.51 9.23 -28.85
CA GLU G 41 17.75 10.30 -29.82
C GLU G 41 18.95 9.98 -30.69
N ARG G 42 20.01 9.42 -30.10
CA ARG G 42 21.25 9.14 -30.81
C ARG G 42 21.67 7.72 -30.48
N VAL G 43 22.57 7.17 -31.28
CA VAL G 43 23.07 5.81 -31.08
C VAL G 43 24.56 5.79 -31.41
N GLY G 44 25.31 5.04 -30.62
CA GLY G 44 26.75 4.96 -30.81
C GLY G 44 27.12 4.09 -32.00
N ALA G 45 28.41 4.06 -32.28
CA ALA G 45 28.92 3.24 -33.37
C ALA G 45 29.29 1.83 -32.93
N GLY G 46 29.75 1.67 -31.70
CA GLY G 46 30.06 0.33 -31.20
C GLY G 46 28.85 -0.45 -30.74
N ALA G 47 27.73 0.24 -30.52
CA ALA G 47 26.49 -0.41 -30.04
C ALA G 47 25.96 -1.48 -31.02
N PRO G 48 25.76 -1.22 -32.35
CA PRO G 48 25.30 -2.28 -33.26
C PRO G 48 26.32 -3.43 -33.36
N VAL G 49 27.62 -3.12 -33.39
CA VAL G 49 28.68 -4.18 -33.42
C VAL G 49 28.51 -5.09 -32.20
N TYR G 50 28.40 -4.51 -31.00
CA TYR G 50 28.22 -5.31 -29.80
C TYR G 50 26.93 -6.13 -29.86
N LEU G 51 25.85 -5.51 -30.33
CA LEU G 51 24.58 -6.23 -30.44
C LEU G 51 24.65 -7.35 -31.45
N ALA G 52 25.29 -7.11 -32.60
CA ALA G 52 25.43 -8.16 -33.60
C ALA G 52 26.27 -9.31 -33.06
N ALA G 53 27.33 -9.01 -32.31
CA ALA G 53 28.14 -10.07 -31.71
C ALA G 53 27.33 -10.90 -30.73
N VAL G 54 26.53 -10.24 -29.89
CA VAL G 54 25.71 -10.98 -28.92
C VAL G 54 24.69 -11.85 -29.63
N LEU G 55 24.04 -11.31 -30.67
CA LEU G 55 23.06 -12.07 -31.43
C LEU G 55 23.71 -13.28 -32.09
N GLU G 56 24.90 -13.09 -32.66
CA GLU G 56 25.62 -14.19 -33.29
C GLU G 56 25.98 -15.27 -32.27
N TYR G 57 26.44 -14.88 -31.09
CA TYR G 57 26.80 -15.87 -30.09
C TYR G 57 25.59 -16.66 -29.63
N LEU G 58 24.46 -15.98 -29.39
CA LEU G 58 23.26 -16.70 -28.97
C LEU G 58 22.77 -17.64 -30.06
N THR G 59 22.80 -17.18 -31.33
CA THR G 59 22.40 -18.04 -32.43
C THR G 59 23.30 -19.26 -32.54
N ALA G 60 24.60 -19.07 -32.37
CA ALA G 60 25.54 -20.18 -32.41
C ALA G 60 25.28 -21.18 -31.30
N GLU G 61 25.00 -20.68 -30.09
CA GLU G 61 24.70 -21.56 -28.97
C GLU G 61 23.47 -22.42 -29.25
N ILE G 62 22.37 -21.77 -29.67
CA ILE G 62 21.14 -22.49 -29.97
C ILE G 62 21.36 -23.51 -31.08
N LEU G 63 22.01 -23.09 -32.16
CA LEU G 63 22.19 -23.97 -33.31
C LEU G 63 23.12 -25.13 -32.98
N GLU G 64 24.12 -24.92 -32.13
CA GLU G 64 25.02 -26.00 -31.77
C GLU G 64 24.29 -27.05 -30.96
N LEU G 65 23.53 -26.62 -29.94
CA LEU G 65 22.77 -27.61 -29.16
C LEU G 65 21.69 -28.28 -30.00
N ALA G 66 21.07 -27.54 -30.91
CA ALA G 66 20.05 -28.13 -31.79
C ALA G 66 20.66 -29.16 -32.73
N GLY G 67 21.84 -28.87 -33.28
CA GLY G 67 22.51 -29.83 -34.13
C GLY G 67 22.90 -31.09 -33.38
N ASN G 68 23.37 -30.92 -32.13
CA ASN G 68 23.67 -32.09 -31.31
C ASN G 68 22.42 -32.92 -31.06
N ALA G 69 21.30 -32.26 -30.74
CA ALA G 69 20.06 -32.98 -30.49
C ALA G 69 19.56 -33.69 -31.74
N ALA G 70 19.68 -33.05 -32.90
CA ALA G 70 19.25 -33.67 -34.15
C ALA G 70 20.12 -34.87 -34.50
N ARG G 71 21.44 -34.73 -34.36
CA ARG G 71 22.33 -35.85 -34.61
C ARG G 71 22.11 -36.98 -33.62
N ASP G 72 21.64 -36.68 -32.41
CA ASP G 72 21.35 -37.72 -31.43
C ASP G 72 20.23 -38.63 -31.93
N ASN G 73 19.28 -38.09 -32.69
CA ASN G 73 18.16 -38.88 -33.21
C ASN G 73 18.36 -39.29 -34.67
N LYS G 74 19.62 -39.39 -35.10
CA LYS G 74 19.99 -39.86 -36.44
C LYS G 74 19.33 -39.03 -37.54
N LYS G 75 19.14 -37.74 -37.31
CA LYS G 75 18.57 -36.83 -38.29
C LYS G 75 19.56 -35.72 -38.59
N THR G 76 19.82 -35.49 -39.87
CA THR G 76 20.73 -34.44 -40.31
C THR G 76 19.98 -33.18 -40.74
N ARG G 77 18.73 -33.03 -40.32
CA ARG G 77 17.94 -31.84 -40.59
C ARG G 77 17.32 -31.38 -39.27
N ILE G 78 17.40 -30.08 -39.00
CA ILE G 78 16.95 -29.52 -37.74
C ILE G 78 15.50 -29.11 -37.87
N ILE G 79 14.66 -29.61 -36.96
CA ILE G 79 13.23 -29.32 -36.95
C ILE G 79 12.89 -28.72 -35.59
N PRO G 80 11.74 -28.04 -35.49
CA PRO G 80 11.38 -27.38 -34.21
C PRO G 80 11.44 -28.28 -32.98
N ARG G 81 11.22 -29.58 -33.13
CA ARG G 81 11.37 -30.48 -31.98
C ARG G 81 12.80 -30.47 -31.46
N HIS G 82 13.79 -30.44 -32.35
CA HIS G 82 15.18 -30.35 -31.93
C HIS G 82 15.45 -29.03 -31.21
N LEU G 83 14.88 -27.93 -31.71
CA LEU G 83 15.06 -26.64 -31.05
C LEU G 83 14.48 -26.65 -29.65
N GLN G 84 13.27 -27.21 -29.50
CA GLN G 84 12.65 -27.28 -28.19
C GLN G 84 13.45 -28.15 -27.24
N LEU G 85 13.96 -29.29 -27.73
CA LEU G 85 14.77 -30.16 -26.89
C LEU G 85 16.05 -29.46 -26.44
N ALA G 86 16.72 -28.78 -27.38
CA ALA G 86 17.95 -28.07 -27.04
C ALA G 86 17.69 -26.95 -26.04
N ILE G 87 16.58 -26.24 -26.21
CA ILE G 87 16.26 -25.14 -25.30
C ILE G 87 15.95 -25.66 -23.91
N ARG G 88 15.14 -26.72 -23.81
CA ARG G 88 14.74 -27.23 -22.51
C ARG G 88 15.82 -28.06 -21.82
N ASN G 89 16.85 -28.50 -22.55
CA ASN G 89 17.88 -29.32 -21.94
C ASN G 89 19.02 -28.51 -21.33
N ASP G 90 19.00 -27.18 -21.45
CA ASP G 90 20.02 -26.32 -20.87
C ASP G 90 19.35 -25.45 -19.82
N GLU G 91 19.86 -25.50 -18.58
CA GLU G 91 19.24 -24.76 -17.49
C GLU G 91 19.44 -23.25 -17.59
N GLU G 92 20.35 -22.79 -18.45
CA GLU G 92 20.51 -21.35 -18.67
C GLU G 92 19.60 -20.87 -19.79
N LEU G 93 19.58 -21.59 -20.90
CA LEU G 93 18.76 -21.20 -22.04
C LEU G 93 17.28 -21.36 -21.75
N ASN G 94 16.91 -22.38 -20.95
CA ASN G 94 15.54 -22.52 -20.51
C ASN G 94 15.13 -21.35 -19.63
N LYS G 95 16.03 -20.88 -18.77
CA LYS G 95 15.75 -19.68 -17.98
C LYS G 95 15.59 -18.45 -18.88
N LEU G 96 16.42 -18.33 -19.92
CA LEU G 96 16.32 -17.21 -20.82
C LEU G 96 14.99 -17.22 -21.57
N LEU G 97 14.49 -18.41 -21.89
CA LEU G 97 13.24 -18.58 -22.64
C LEU G 97 12.19 -19.29 -21.80
N GLY G 98 12.07 -18.89 -20.53
CA GLY G 98 11.18 -19.58 -19.61
C GLY G 98 9.71 -19.39 -19.94
N LYS G 99 9.34 -18.20 -20.39
CA LYS G 99 7.94 -17.81 -20.52
C LYS G 99 7.51 -17.75 -21.99
N VAL G 100 8.00 -18.68 -22.81
CA VAL G 100 7.72 -18.64 -24.23
C VAL G 100 7.56 -20.06 -24.76
N THR G 101 6.77 -20.19 -25.83
CA THR G 101 6.42 -21.48 -26.41
C THR G 101 7.01 -21.61 -27.80
N ILE G 102 7.62 -22.76 -28.07
CA ILE G 102 8.04 -23.14 -29.41
C ILE G 102 6.88 -23.84 -30.10
N ALA G 103 6.45 -23.31 -31.24
CA ALA G 103 5.34 -23.92 -31.96
C ALA G 103 5.74 -25.28 -32.52
N GLN G 104 4.79 -26.21 -32.49
CA GLN G 104 4.96 -27.64 -32.78
C GLN G 104 6.27 -28.21 -32.23
N GLY G 105 6.69 -27.72 -31.06
CA GLY G 105 7.90 -28.21 -30.44
C GLY G 105 7.72 -29.35 -29.47
N GLY G 106 6.48 -29.67 -29.12
CA GLY G 106 6.26 -30.73 -28.17
C GLY G 106 6.69 -30.28 -26.78
N VAL G 107 6.93 -31.27 -25.92
CA VAL G 107 7.38 -31.03 -24.55
C VAL G 107 8.57 -31.94 -24.27
N LEU G 108 9.18 -31.73 -23.11
CA LEU G 108 10.29 -32.56 -22.68
C LEU G 108 9.75 -33.86 -22.09
N PRO G 109 10.14 -35.02 -22.61
CA PRO G 109 9.58 -36.29 -22.12
C PRO G 109 10.02 -36.56 -20.70
N ASN G 110 9.04 -36.60 -19.79
CA ASN G 110 9.30 -37.00 -18.41
C ASN G 110 8.03 -37.56 -17.78
N ILE G 111 8.23 -38.46 -16.82
CA ILE G 111 7.14 -39.08 -16.06
C ILE G 111 7.53 -39.06 -14.59
N GLN G 112 6.61 -38.60 -13.74
CA GLN G 112 6.88 -38.57 -12.31
C GLN G 112 7.07 -39.98 -11.77
N ALA G 113 7.94 -40.11 -10.77
CA ALA G 113 8.34 -41.42 -10.29
C ALA G 113 7.18 -42.18 -9.65
N VAL G 114 6.21 -41.46 -9.08
CA VAL G 114 5.06 -42.13 -8.46
C VAL G 114 4.22 -42.84 -9.52
N LEU G 115 4.13 -42.25 -10.72
CA LEU G 115 3.31 -42.83 -11.78
C LEU G 115 3.85 -44.18 -12.22
N LEU G 116 5.18 -44.33 -12.26
CA LEU G 116 5.87 -45.53 -12.74
C LEU G 116 5.42 -46.77 -11.98
N PRO G 117 5.36 -47.93 -12.64
CA PRO G 117 4.77 -49.12 -12.00
C PRO G 117 5.60 -49.62 -10.83
N LYS G 118 4.90 -50.24 -9.87
CA LYS G 118 5.55 -50.85 -8.72
C LYS G 118 6.39 -52.03 -9.15
N LYS G 119 7.55 -52.18 -8.53
CA LYS G 119 8.46 -53.29 -8.85
C LYS G 119 8.54 -54.27 -7.68
N ARG H 33 8.90 -7.33 -50.10
CA ARG H 33 10.30 -7.38 -49.72
C ARG H 33 10.48 -7.43 -48.20
N LYS H 34 9.96 -8.49 -47.58
CA LYS H 34 10.17 -8.71 -46.16
C LYS H 34 11.64 -9.05 -45.90
N GLU H 35 12.08 -8.78 -44.66
CA GLU H 35 13.47 -8.93 -44.28
C GLU H 35 13.59 -9.95 -43.16
N SER H 36 14.52 -10.87 -43.30
CA SER H 36 14.71 -11.93 -42.32
C SER H 36 16.19 -12.24 -42.19
N TYR H 37 16.54 -12.90 -41.09
CA TYR H 37 17.92 -13.25 -40.77
C TYR H 37 18.28 -14.67 -41.17
N SER H 38 17.57 -15.23 -42.15
CA SER H 38 17.77 -16.61 -42.54
C SER H 38 19.17 -16.85 -43.07
N VAL H 39 19.68 -15.91 -43.88
CA VAL H 39 21.02 -16.07 -44.45
C VAL H 39 22.07 -16.14 -43.35
N TYR H 40 21.93 -15.27 -42.35
CA TYR H 40 22.93 -15.20 -41.28
C TYR H 40 22.82 -16.40 -40.34
N VAL H 41 21.59 -16.86 -40.08
CA VAL H 41 21.42 -18.07 -39.28
C VAL H 41 22.00 -19.27 -40.01
N TYR H 42 21.82 -19.33 -41.33
CA TYR H 42 22.40 -20.41 -42.12
C TYR H 42 23.93 -20.36 -42.08
N LYS H 43 24.51 -19.17 -42.20
CA LYS H 43 25.96 -19.05 -42.12
C LYS H 43 26.48 -19.52 -40.77
N VAL H 44 25.81 -19.11 -39.68
CA VAL H 44 26.23 -19.54 -38.35
C VAL H 44 26.09 -21.05 -38.21
N LEU H 45 25.02 -21.62 -38.78
CA LEU H 45 24.84 -23.07 -38.73
C LEU H 45 25.95 -23.79 -39.48
N LYS H 46 26.39 -23.24 -40.62
CA LYS H 46 27.51 -23.83 -41.33
C LYS H 46 28.79 -23.73 -40.51
N GLN H 47 28.98 -22.62 -39.78
CA GLN H 47 30.17 -22.54 -38.93
C GLN H 47 30.14 -23.54 -37.79
N VAL H 48 28.97 -23.85 -37.22
CA VAL H 48 28.94 -24.74 -36.06
C VAL H 48 28.73 -26.21 -36.42
N HIS H 49 28.21 -26.51 -37.60
CA HIS H 49 27.92 -27.89 -38.00
C HIS H 49 27.99 -27.95 -39.51
N PRO H 50 29.17 -28.27 -40.07
CA PRO H 50 29.36 -28.13 -41.52
C PRO H 50 28.53 -29.07 -42.37
N ASP H 51 27.94 -30.12 -41.78
CA ASP H 51 27.25 -31.13 -42.58
C ASP H 51 25.82 -31.40 -42.13
N THR H 52 25.20 -30.47 -41.40
CA THR H 52 23.81 -30.59 -41.03
C THR H 52 23.03 -29.40 -41.56
N GLY H 53 21.78 -29.66 -41.96
CA GLY H 53 20.90 -28.65 -42.50
C GLY H 53 19.79 -28.27 -41.52
N ILE H 54 19.02 -27.26 -41.91
CA ILE H 54 17.91 -26.77 -41.11
C ILE H 54 16.70 -26.57 -42.02
N SER H 55 15.53 -26.94 -41.52
CA SER H 55 14.30 -26.70 -42.24
C SER H 55 13.89 -25.23 -42.11
N SER H 56 13.30 -24.70 -43.18
CA SER H 56 12.80 -23.32 -43.12
C SER H 56 11.72 -23.16 -42.07
N LYS H 57 11.03 -24.26 -41.74
CA LYS H 57 9.99 -24.21 -40.72
C LYS H 57 10.58 -23.84 -39.36
N ALA H 58 11.79 -24.32 -39.07
CA ALA H 58 12.51 -23.91 -37.86
C ALA H 58 13.31 -22.64 -38.08
N MET H 59 13.70 -22.35 -39.32
CA MET H 59 14.38 -21.09 -39.61
C MET H 59 13.48 -19.90 -39.31
N GLY H 60 12.17 -20.08 -39.49
CA GLY H 60 11.22 -19.07 -39.03
C GLY H 60 11.30 -18.84 -37.53
N ILE H 61 11.48 -19.92 -36.76
CA ILE H 61 11.66 -19.77 -35.31
C ILE H 61 12.97 -19.08 -35.01
N MET H 62 14.01 -19.35 -35.80
CA MET H 62 15.28 -18.63 -35.65
C MET H 62 15.10 -17.13 -35.87
N ASN H 63 14.36 -16.77 -36.92
CA ASN H 63 14.09 -15.35 -37.17
C ASN H 63 13.32 -14.72 -36.03
N SER H 64 12.26 -15.38 -35.57
CA SER H 64 11.44 -14.84 -34.49
C SER H 64 12.17 -14.86 -33.15
N PHE H 65 13.25 -15.62 -33.04
CA PHE H 65 14.05 -15.65 -31.81
C PHE H 65 15.08 -14.53 -31.81
N VAL H 66 15.81 -14.37 -32.90
CA VAL H 66 16.80 -13.30 -32.95
C VAL H 66 16.10 -11.94 -32.89
N ASN H 67 14.95 -11.81 -33.57
CA ASN H 67 14.21 -10.56 -33.47
C ASN H 67 13.72 -10.29 -32.06
N ASP H 68 13.29 -11.33 -31.34
CA ASP H 68 12.82 -11.15 -29.98
C ASP H 68 13.94 -10.75 -29.04
N ILE H 69 15.11 -11.38 -29.20
CA ILE H 69 16.25 -11.04 -28.35
C ILE H 69 16.73 -9.63 -28.65
N PHE H 70 16.76 -9.25 -29.93
CA PHE H 70 17.11 -7.87 -30.30
C PHE H 70 16.14 -6.88 -29.67
N GLU H 71 14.84 -7.17 -29.73
CA GLU H 71 13.86 -6.27 -29.14
C GLU H 71 14.05 -6.17 -27.63
N ARG H 72 14.34 -7.30 -26.98
CA ARG H 72 14.46 -7.34 -25.53
C ARG H 72 15.71 -6.62 -25.05
N ILE H 73 16.79 -6.68 -25.82
CA ILE H 73 18.03 -5.99 -25.44
C ILE H 73 17.91 -4.49 -25.70
N ALA H 74 17.46 -4.12 -26.90
CA ALA H 74 17.32 -2.71 -27.24
C ALA H 74 16.32 -2.00 -26.34
N GLY H 75 15.29 -2.70 -25.89
CA GLY H 75 14.35 -2.09 -24.96
C GLY H 75 15.00 -1.71 -23.64
N GLU H 76 15.85 -2.59 -23.11
CA GLU H 76 16.54 -2.27 -21.86
C GLU H 76 17.61 -1.21 -22.07
N ALA H 77 18.26 -1.19 -23.24
CA ALA H 77 19.23 -0.13 -23.52
C ALA H 77 18.55 1.23 -23.60
N SER H 78 17.36 1.28 -24.20
CA SER H 78 16.61 2.53 -24.26
C SER H 78 16.24 3.02 -22.87
N ARG H 79 15.79 2.10 -22.01
CA ARG H 79 15.50 2.49 -20.63
C ARG H 79 16.74 2.97 -19.92
N LEU H 80 17.89 2.31 -20.13
CA LEU H 80 19.13 2.77 -19.50
C LEU H 80 19.48 4.19 -19.91
N ALA H 81 19.39 4.46 -21.21
CA ALA H 81 19.72 5.79 -21.72
C ALA H 81 18.77 6.85 -21.16
N HIS H 82 17.48 6.51 -21.04
CA HIS H 82 16.53 7.44 -20.44
C HIS H 82 16.75 7.57 -18.94
N TYR H 83 17.21 6.49 -18.30
CA TYR H 83 17.38 6.51 -16.81
C TYR H 83 18.50 7.49 -16.46
N ASN H 84 19.66 7.36 -17.12
CA ASN H 84 20.78 8.21 -16.76
C ASN H 84 20.72 9.57 -17.45
N LYS H 85 19.53 10.00 -17.88
CA LYS H 85 19.30 11.27 -18.56
C LYS H 85 20.13 11.41 -19.82
N ARG H 86 20.56 10.30 -20.40
CA ARG H 86 21.39 10.31 -21.59
C ARG H 86 20.53 10.22 -22.84
N SER H 87 21.15 10.44 -23.99
CA SER H 87 20.44 10.39 -25.26
C SER H 87 21.22 9.62 -26.33
N THR H 88 22.14 8.76 -25.92
CA THR H 88 22.92 7.97 -26.86
C THR H 88 23.00 6.54 -26.37
N ILE H 89 22.87 5.59 -27.29
CA ILE H 89 22.98 4.17 -26.98
C ILE H 89 24.37 3.72 -27.40
N THR H 90 25.19 3.33 -26.44
CA THR H 90 26.58 3.00 -26.67
C THR H 90 26.87 1.55 -26.30
N SER H 91 28.13 1.16 -26.50
CA SER H 91 28.57 -0.18 -26.16
C SER H 91 28.37 -0.46 -24.69
N ARG H 92 28.57 0.54 -23.84
CA ARG H 92 28.31 0.35 -22.41
C ARG H 92 26.84 0.05 -22.15
N GLU H 93 25.94 0.74 -22.85
CA GLU H 93 24.52 0.50 -22.69
C GLU H 93 24.15 -0.92 -23.12
N ILE H 94 24.65 -1.35 -24.28
CA ILE H 94 24.34 -2.69 -24.76
C ILE H 94 24.92 -3.74 -23.83
N GLN H 95 26.15 -3.52 -23.35
CA GLN H 95 26.79 -4.49 -22.47
C GLN H 95 26.04 -4.62 -21.15
N THR H 96 25.60 -3.50 -20.59
CA THR H 96 24.81 -3.56 -19.36
C THR H 96 23.46 -4.22 -19.60
N ALA H 97 22.84 -3.97 -20.75
CA ALA H 97 21.59 -4.64 -21.07
C ALA H 97 21.78 -6.15 -21.16
N VAL H 98 22.89 -6.59 -21.77
CA VAL H 98 23.21 -8.02 -21.82
C VAL H 98 23.41 -8.56 -20.41
N ARG H 99 24.18 -7.85 -19.58
CA ARG H 99 24.44 -8.28 -18.21
C ARG H 99 23.16 -8.37 -17.39
N LEU H 100 22.15 -7.57 -17.73
CA LEU H 100 20.87 -7.62 -17.03
C LEU H 100 20.00 -8.75 -17.55
N LEU H 101 19.97 -8.95 -18.87
CA LEU H 101 19.03 -9.90 -19.46
C LEU H 101 19.54 -11.33 -19.34
N LEU H 102 20.68 -11.64 -19.94
CA LEU H 102 21.14 -13.01 -19.96
C LEU H 102 21.63 -13.44 -18.58
N PRO H 103 21.44 -14.72 -18.21
CA PRO H 103 21.90 -15.19 -16.90
C PRO H 103 23.42 -15.25 -16.80
N GLY H 104 23.95 -15.72 -15.68
CA GLY H 104 25.37 -15.66 -15.41
C GLY H 104 26.32 -16.23 -16.44
N GLU H 105 26.26 -17.54 -16.66
CA GLU H 105 27.24 -18.21 -17.50
C GLU H 105 27.11 -17.79 -18.96
N LEU H 106 25.88 -17.62 -19.44
CA LEU H 106 25.68 -17.17 -20.81
C LEU H 106 26.06 -15.71 -20.99
N ALA H 107 25.82 -14.89 -19.97
CA ALA H 107 26.09 -13.46 -20.06
C ALA H 107 27.57 -13.18 -20.02
N LYS H 108 28.33 -13.99 -19.28
CA LYS H 108 29.79 -13.81 -19.27
C LYS H 108 30.37 -13.99 -20.67
N HIS H 109 29.96 -15.05 -21.36
CA HIS H 109 30.45 -15.28 -22.72
C HIS H 109 29.90 -14.25 -23.70
N ALA H 110 28.64 -13.85 -23.53
CA ALA H 110 28.09 -12.81 -24.41
C ALA H 110 28.86 -11.51 -24.26
N VAL H 111 29.16 -11.11 -23.03
CA VAL H 111 29.92 -9.89 -22.78
C VAL H 111 31.32 -10.01 -23.38
N SER H 112 31.97 -11.16 -23.16
CA SER H 112 33.32 -11.34 -23.68
C SER H 112 33.33 -11.29 -25.21
N GLU H 113 32.35 -11.95 -25.86
CA GLU H 113 32.30 -11.95 -27.31
C GLU H 113 32.03 -10.54 -27.86
N GLY H 114 31.11 -9.81 -27.23
CA GLY H 114 30.86 -8.45 -27.67
C GLY H 114 32.07 -7.55 -27.49
N THR H 115 32.76 -7.68 -26.35
CA THR H 115 33.96 -6.89 -26.11
C THR H 115 35.04 -7.19 -27.13
N LYS H 116 35.24 -8.47 -27.45
CA LYS H 116 36.22 -8.83 -28.47
C LYS H 116 35.85 -8.25 -29.83
N ALA H 117 34.57 -8.32 -30.18
CA ALA H 117 34.14 -7.80 -31.48
C ALA H 117 34.33 -6.29 -31.58
N VAL H 118 33.94 -5.55 -30.55
CA VAL H 118 34.07 -4.10 -30.61
C VAL H 118 35.56 -3.71 -30.54
N THR H 119 36.37 -4.46 -29.80
CA THR H 119 37.80 -4.20 -29.76
C THR H 119 38.42 -4.38 -31.14
N LYS H 120 38.06 -5.47 -31.83
CA LYS H 120 38.58 -5.70 -33.18
C LYS H 120 38.11 -4.61 -34.13
N TYR H 121 36.83 -4.22 -34.02
CA TYR H 121 36.30 -3.19 -34.91
C TYR H 121 37.01 -1.86 -34.72
N THR H 122 37.26 -1.48 -33.47
CA THR H 122 37.98 -0.24 -33.19
C THR H 122 39.44 -0.33 -33.65
N SER H 123 40.07 -1.49 -33.43
CA SER H 123 41.47 -1.63 -33.81
C SER H 123 41.65 -1.57 -35.32
N SER H 124 40.74 -2.18 -36.08
CA SER H 124 40.82 -2.16 -37.52
C SER H 124 40.45 -0.80 -38.07
N GLY K 12 -13.01 11.68 64.72
CA GLY K 12 -13.63 11.60 63.40
C GLY K 12 -14.28 12.88 62.91
N HIS K 13 -14.84 12.82 61.71
CA HIS K 13 -15.50 13.98 61.13
C HIS K 13 -16.77 14.33 61.93
N ARG K 14 -16.92 15.61 62.27
CA ARG K 14 -18.08 16.03 63.05
C ARG K 14 -19.35 16.08 62.23
N THR K 15 -20.48 16.03 62.94
CA THR K 15 -21.77 16.11 62.32
C THR K 15 -22.55 17.11 63.16
N LEU K 16 -23.51 17.81 62.56
CA LEU K 16 -24.29 18.81 63.27
C LEU K 16 -24.99 18.25 64.51
N ALA K 17 -25.46 17.02 64.41
CA ALA K 17 -26.18 16.39 65.52
C ALA K 17 -25.27 15.86 66.61
N SER K 18 -24.04 15.46 66.30
CA SER K 18 -23.18 14.81 67.33
C SER K 18 -22.47 15.86 68.21
N THR K 19 -22.03 17.00 67.63
CA THR K 19 -21.28 17.94 68.45
C THR K 19 -21.80 19.36 68.28
N PRO K 20 -23.11 19.55 68.56
CA PRO K 20 -23.83 20.82 68.45
C PRO K 20 -23.09 22.09 68.86
N ALA K 21 -22.42 22.01 70.02
CA ALA K 21 -21.69 23.17 70.58
C ALA K 21 -20.38 23.42 69.83
N LEU K 22 -20.18 22.83 68.65
CA LEU K 22 -19.03 23.14 67.81
C LEU K 22 -19.40 23.77 66.47
N TRP K 23 -20.68 24.02 66.23
CA TRP K 23 -21.10 24.63 64.97
C TRP K 23 -21.62 26.06 65.12
N ALA K 24 -21.36 26.87 64.10
CA ALA K 24 -21.81 28.26 64.04
C ALA K 24 -22.52 28.40 62.70
N SER K 25 -23.56 29.23 62.67
CA SER K 25 -24.36 29.41 61.46
C SER K 25 -24.12 30.72 60.74
N ILE K 26 -24.56 30.74 59.49
CA ILE K 26 -24.48 31.90 58.62
C ILE K 26 -25.81 31.94 57.87
N PRO K 27 -26.55 33.05 57.99
CA PRO K 27 -27.84 33.16 57.29
C PRO K 27 -27.61 32.89 55.82
N CYS K 28 -28.29 31.89 55.28
CA CYS K 28 -28.13 31.55 53.88
C CYS K 28 -29.19 30.53 53.48
N PRO K 29 -30.20 30.97 52.72
CA PRO K 29 -31.26 30.09 52.28
C PRO K 29 -30.79 29.16 51.16
N ARG K 30 -31.37 27.97 51.09
CA ARG K 30 -30.95 26.96 50.06
C ARG K 30 -31.12 27.53 48.65
N SER K 31 -32.02 28.49 48.46
CA SER K 31 -32.18 29.13 47.15
C SER K 31 -30.97 29.97 46.77
N GLU K 32 -30.17 30.31 47.76
CA GLU K 32 -28.98 31.11 47.54
C GLU K 32 -27.72 30.21 47.45
N LEU K 33 -27.83 28.98 47.97
CA LEU K 33 -26.72 28.02 47.95
C LEU K 33 -27.11 26.56 48.19
N ARG K 34 -26.64 25.69 47.31
CA ARG K 34 -26.88 24.24 47.41
C ARG K 34 -25.50 23.59 47.37
N LEU K 35 -24.94 23.24 48.52
CA LEU K 35 -23.58 22.63 48.60
C LEU K 35 -23.49 21.42 47.68
N ASP K 36 -24.52 20.56 47.66
CA ASP K 36 -24.46 19.36 46.85
C ASP K 36 -24.37 19.65 45.36
N LEU K 37 -24.72 20.88 44.97
CA LEU K 37 -24.65 21.23 43.56
C LEU K 37 -23.42 22.06 43.21
N VAL K 38 -22.68 22.49 44.21
CA VAL K 38 -21.49 23.29 43.96
C VAL K 38 -20.16 22.57 44.22
N LEU K 39 -20.01 22.00 45.42
CA LEU K 39 -18.76 21.37 45.80
C LEU K 39 -18.26 20.17 44.99
N PRO K 40 -19.15 19.33 44.44
CA PRO K 40 -18.65 18.19 43.66
C PRO K 40 -18.80 18.39 42.14
N SER K 41 -19.12 19.61 41.72
CA SER K 41 -19.37 19.88 40.31
C SER K 41 -18.22 20.34 39.43
N GLY K 42 -16.98 20.15 39.88
CA GLY K 42 -15.80 20.47 39.04
C GLY K 42 -15.17 21.84 39.25
N GLN K 43 -15.69 22.66 40.17
CA GLN K 43 -15.19 24.02 40.37
C GLN K 43 -13.95 23.81 41.22
N SER K 44 -14.16 23.24 42.41
CA SER K 44 -13.08 22.91 43.35
C SER K 44 -13.09 21.39 43.43
N PHE K 45 -11.91 20.77 43.53
CA PHE K 45 -11.86 19.32 43.61
C PHE K 45 -11.45 18.84 44.99
N ARG K 46 -11.55 19.71 46.00
CA ARG K 46 -11.13 19.38 47.36
C ARG K 46 -12.21 19.12 48.42
N TRP K 47 -13.46 18.95 48.01
CA TRP K 47 -14.51 18.70 49.00
C TRP K 47 -15.08 17.30 48.93
N ARG K 48 -15.25 16.68 50.09
CA ARG K 48 -15.79 15.33 50.16
C ARG K 48 -16.94 15.26 51.15
N GLU K 49 -18.03 14.59 50.75
CA GLU K 49 -19.18 14.40 51.61
C GLU K 49 -18.86 13.18 52.51
N GLN K 50 -17.93 13.36 53.43
CA GLN K 50 -17.51 12.26 54.30
C GLN K 50 -18.65 11.62 55.06
N SER K 51 -19.66 12.42 55.36
CA SER K 51 -20.88 11.96 56.04
C SER K 51 -22.04 12.56 55.23
N PRO K 52 -23.16 11.82 55.13
CA PRO K 52 -24.30 12.35 54.35
C PRO K 52 -24.68 13.78 54.68
N ALA K 53 -24.74 14.60 53.64
CA ALA K 53 -25.08 16.01 53.72
C ALA K 53 -24.04 16.88 54.42
N HIS K 54 -22.87 16.30 54.70
CA HIS K 54 -21.77 17.03 55.36
C HIS K 54 -20.52 17.00 54.49
N TRP K 55 -20.07 18.18 54.04
CA TRP K 55 -18.88 18.27 53.18
C TRP K 55 -17.67 18.83 53.93
N SER K 56 -16.56 18.11 53.86
CA SER K 56 -15.32 18.50 54.53
C SER K 56 -14.20 18.80 53.52
N GLY K 57 -13.38 19.80 53.85
CA GLY K 57 -12.27 20.18 52.98
C GLY K 57 -11.41 21.28 53.59
N VAL K 58 -10.39 21.72 52.87
CA VAL K 58 -9.52 22.76 53.38
C VAL K 58 -9.96 24.13 52.86
N LEU K 59 -10.11 25.07 53.78
CA LEU K 59 -10.55 26.41 53.41
C LEU K 59 -9.75 27.40 54.25
N ALA K 60 -8.99 28.22 53.56
CA ALA K 60 -8.16 29.23 54.22
C ALA K 60 -7.16 28.57 55.18
N ASP K 61 -6.42 27.60 54.65
CA ASP K 61 -5.40 26.87 55.40
C ASP K 61 -5.83 26.05 56.62
N GLN K 62 -7.10 25.69 56.69
CA GLN K 62 -7.57 24.83 57.76
C GLN K 62 -8.77 24.00 57.31
N VAL K 63 -9.03 22.91 58.04
CA VAL K 63 -10.12 22.03 57.70
C VAL K 63 -11.47 22.51 58.23
N TRP K 64 -12.52 22.25 57.45
CA TRP K 64 -13.89 22.61 57.77
C TRP K 64 -14.87 21.52 57.33
N THR K 65 -16.02 21.48 57.98
CA THR K 65 -17.08 20.57 57.60
C THR K 65 -18.26 21.52 57.47
N LEU K 66 -19.03 21.37 56.40
CA LEU K 66 -20.16 22.25 56.15
C LEU K 66 -21.41 21.45 55.82
N THR K 67 -22.54 21.92 56.35
CA THR K 67 -23.81 21.27 56.13
C THR K 67 -24.88 22.35 56.23
N GLN K 68 -25.99 22.16 55.50
CA GLN K 68 -27.02 23.24 55.46
C GLN K 68 -28.43 22.75 55.81
N THR K 69 -29.22 23.62 56.44
CA THR K 69 -30.62 23.36 56.75
C THR K 69 -31.39 24.20 55.74
N GLU K 70 -32.66 24.52 56.00
CA GLU K 70 -33.43 25.31 55.04
C GLU K 70 -33.00 26.76 54.92
N GLU K 71 -32.71 27.41 56.05
CA GLU K 71 -32.31 28.81 55.99
C GLU K 71 -30.92 29.08 56.56
N GLN K 72 -30.19 28.02 56.93
CA GLN K 72 -28.87 28.21 57.51
C GLN K 72 -27.72 27.36 56.94
N LEU K 73 -26.51 27.92 56.97
CA LEU K 73 -25.32 27.21 56.53
C LEU K 73 -24.52 26.97 57.81
N HIS K 74 -24.45 25.72 58.25
CA HIS K 74 -23.73 25.38 59.48
C HIS K 74 -22.26 25.07 59.18
N CYS K 75 -21.37 25.66 59.96
CA CYS K 75 -19.93 25.49 59.78
C CYS K 75 -19.21 25.09 61.06
N THR K 76 -18.11 24.34 60.91
CA THR K 76 -17.29 23.91 62.05
C THR K 76 -15.83 23.83 61.57
N SER K 83 -6.45 21.28 65.46
CA SER K 83 -7.12 20.63 66.61
C SER K 83 -8.18 21.57 67.19
N GLN K 84 -9.25 21.85 66.42
CA GLN K 84 -10.30 22.79 66.89
C GLN K 84 -10.99 22.21 68.12
N ALA K 85 -11.32 23.05 69.09
CA ALA K 85 -12.03 22.60 70.31
C ALA K 85 -13.12 23.62 70.66
N SER K 86 -13.59 24.39 69.67
CA SER K 86 -14.57 25.44 69.90
C SER K 86 -15.26 25.82 68.59
N ARG K 87 -16.38 26.53 68.71
CA ARG K 87 -17.14 26.96 67.54
C ARG K 87 -16.35 27.97 66.72
N PRO K 88 -16.64 28.07 65.41
CA PRO K 88 -15.93 29.01 64.54
C PRO K 88 -16.14 30.46 65.02
N THR K 89 -15.10 31.27 64.96
CA THR K 89 -15.23 32.67 65.37
C THR K 89 -15.79 33.49 64.20
N PRO K 90 -16.29 34.70 64.51
CA PRO K 90 -16.85 35.59 63.47
C PRO K 90 -15.85 35.87 62.35
N ASP K 91 -14.59 36.05 62.73
CA ASP K 91 -13.50 36.30 61.78
C ASP K 91 -13.35 35.08 60.86
N GLU K 92 -13.38 33.89 61.46
CA GLU K 92 -13.24 32.67 60.69
C GLU K 92 -14.45 32.45 59.80
N LEU K 93 -15.64 32.78 60.31
CA LEU K 93 -16.85 32.62 59.51
C LEU K 93 -16.81 33.52 58.28
N GLU K 94 -16.16 34.66 58.41
CA GLU K 94 -16.04 35.58 57.29
C GLU K 94 -15.24 34.93 56.18
N ALA K 95 -14.33 34.04 56.55
CA ALA K 95 -13.51 33.34 55.57
C ALA K 95 -14.43 32.51 54.68
N VAL K 96 -15.45 31.92 55.29
CA VAL K 96 -16.43 31.10 54.57
C VAL K 96 -17.30 31.96 53.64
N ARG K 97 -17.79 33.09 54.14
CA ARG K 97 -18.64 33.96 53.31
C ARG K 97 -17.90 34.43 52.07
N LYS K 98 -16.63 34.77 52.24
CA LYS K 98 -15.80 35.23 51.13
C LYS K 98 -15.58 34.12 50.09
N TYR K 99 -15.39 32.89 50.57
CA TYR K 99 -15.16 31.72 49.70
C TYR K 99 -16.37 31.47 48.81
N PHE K 100 -17.56 31.65 49.37
CA PHE K 100 -18.81 31.45 48.64
C PHE K 100 -19.37 32.77 48.07
N GLN K 101 -18.59 33.85 48.20
CA GLN K 101 -18.97 35.17 47.69
C GLN K 101 -20.43 35.45 48.01
N LEU K 102 -20.78 35.36 49.29
CA LEU K 102 -22.15 35.54 49.73
C LEU K 102 -22.75 36.95 49.62
N ASP K 103 -21.96 37.96 49.29
CA ASP K 103 -22.52 39.30 49.15
C ASP K 103 -23.24 39.37 47.81
N VAL K 104 -22.90 38.45 46.90
CA VAL K 104 -23.55 38.41 45.59
C VAL K 104 -24.86 37.66 45.78
N THR K 105 -25.96 38.30 45.40
CA THR K 105 -27.28 37.69 45.54
C THR K 105 -27.59 36.87 44.29
N LEU K 106 -27.60 35.55 44.45
CA LEU K 106 -27.87 34.64 43.35
C LEU K 106 -29.27 34.82 42.79
N ALA K 107 -30.23 35.16 43.65
CA ALA K 107 -31.61 35.34 43.23
C ALA K 107 -31.72 36.45 42.17
N GLN K 108 -30.94 37.51 42.32
CA GLN K 108 -30.93 38.62 41.37
C GLN K 108 -30.35 38.16 40.04
N LEU K 109 -29.30 37.35 40.11
CA LEU K 109 -28.67 36.86 38.89
C LEU K 109 -29.60 35.90 38.14
N TYR K 110 -30.20 34.96 38.85
CA TYR K 110 -31.10 34.00 38.22
C TYR K 110 -32.25 34.76 37.54
N HIS K 111 -32.77 35.78 38.21
CA HIS K 111 -33.86 36.59 37.67
C HIS K 111 -33.45 37.15 36.31
N HIS K 112 -32.34 37.87 36.29
CA HIS K 112 -31.84 38.45 35.05
C HIS K 112 -31.62 37.42 33.95
N TRP K 113 -30.83 36.40 34.22
CA TRP K 113 -30.58 35.38 33.19
C TRP K 113 -31.90 34.76 32.74
N GLY K 114 -32.77 34.46 33.70
CA GLY K 114 -34.05 33.88 33.34
C GLY K 114 -34.86 34.77 32.42
N SER K 115 -34.77 36.07 32.64
CA SER K 115 -35.51 37.06 31.86
C SER K 115 -35.08 37.19 30.40
N VAL K 116 -33.81 36.93 30.13
CA VAL K 116 -33.29 37.05 28.78
C VAL K 116 -33.02 35.73 28.09
N ASP K 117 -33.35 34.62 28.76
CA ASP K 117 -33.10 33.30 28.21
C ASP K 117 -34.09 32.32 28.83
N SER K 118 -35.18 32.07 28.11
CA SER K 118 -36.21 31.17 28.61
C SER K 118 -35.70 29.76 28.84
N HIS K 119 -34.65 29.34 28.15
CA HIS K 119 -34.17 27.99 28.40
C HIS K 119 -33.53 27.95 29.78
N PHE K 120 -32.76 28.99 30.12
CA PHE K 120 -32.11 29.07 31.42
C PHE K 120 -33.17 29.05 32.50
N GLN K 121 -34.28 29.74 32.25
CA GLN K 121 -35.36 29.80 33.24
C GLN K 121 -35.89 28.40 33.54
N GLU K 122 -36.06 27.58 32.50
CA GLU K 122 -36.57 26.19 32.69
C GLU K 122 -35.60 25.41 33.57
N VAL K 123 -34.31 25.45 33.25
CA VAL K 123 -33.30 24.70 34.00
C VAL K 123 -33.16 25.25 35.42
N ALA K 124 -33.08 26.58 35.51
CA ALA K 124 -32.93 27.28 36.78
C ALA K 124 -34.02 26.97 37.81
N GLN K 125 -35.19 26.56 37.34
CA GLN K 125 -36.29 26.19 38.27
C GLN K 125 -35.89 24.96 39.07
N LYS K 126 -35.16 24.03 38.45
CA LYS K 126 -34.80 22.78 39.11
C LYS K 126 -33.41 22.77 39.74
N PHE K 127 -32.54 23.69 39.34
CA PHE K 127 -31.19 23.74 39.89
C PHE K 127 -30.89 25.09 40.49
N GLN K 128 -31.51 25.34 41.65
CA GLN K 128 -31.28 26.62 42.36
C GLN K 128 -30.02 26.50 43.21
N GLY K 129 -29.47 27.64 43.63
CA GLY K 129 -28.30 27.66 44.48
C GLY K 129 -26.94 27.32 43.90
N VAL K 130 -26.79 27.30 42.58
CA VAL K 130 -25.47 27.01 42.02
C VAL K 130 -24.72 28.34 41.89
N ARG K 131 -23.80 28.59 42.81
CA ARG K 131 -23.03 29.82 42.76
C ARG K 131 -21.58 29.52 42.45
N LEU K 132 -20.76 30.56 42.39
CA LEU K 132 -19.34 30.41 42.08
C LEU K 132 -18.44 30.61 43.30
N LEU K 133 -17.34 29.89 43.36
CA LEU K 133 -16.46 29.98 44.55
C LEU K 133 -15.30 30.96 44.36
N ARG K 134 -15.11 31.88 45.29
CA ARG K 134 -13.87 32.69 45.24
C ARG K 134 -12.75 31.68 45.51
N GLN K 135 -11.63 31.74 44.79
CA GLN K 135 -10.62 30.66 44.97
C GLN K 135 -9.19 31.19 45.08
N ASP K 136 -8.24 30.30 45.44
CA ASP K 136 -6.86 30.76 45.47
C ASP K 136 -6.27 30.51 44.08
N PRO K 137 -5.55 31.50 43.53
CA PRO K 137 -4.93 31.40 42.21
C PRO K 137 -4.05 30.18 41.99
N ILE K 138 -3.17 29.89 42.94
CA ILE K 138 -2.27 28.74 42.79
C ILE K 138 -3.01 27.41 42.76
N GLU K 139 -3.92 27.20 43.72
CA GLU K 139 -4.68 25.95 43.76
C GLU K 139 -5.51 25.80 42.49
N CYS K 140 -6.14 26.89 42.07
CA CYS K 140 -6.98 26.85 40.89
C CYS K 140 -6.17 26.55 39.63
N LEU K 141 -5.00 27.16 39.51
CA LEU K 141 -4.16 26.95 38.34
C LEU K 141 -3.72 25.51 38.15
N PHE K 142 -3.18 24.90 39.20
CA PHE K 142 -2.72 23.54 39.08
C PHE K 142 -3.84 22.47 39.08
N SER K 143 -4.95 22.77 39.73
CA SER K 143 -6.05 21.82 39.75
C SER K 143 -6.61 21.73 38.33
N PHE K 144 -6.81 22.87 37.67
CA PHE K 144 -7.34 22.84 36.32
C PHE K 144 -6.33 22.40 35.30
N ILE K 145 -5.04 22.48 35.64
CA ILE K 145 -4.05 21.99 34.71
C ILE K 145 -4.26 20.47 34.70
N CYS K 146 -4.73 19.91 35.83
CA CYS K 146 -5.01 18.45 35.91
C CYS K 146 -6.43 18.14 35.38
N SER K 147 -7.30 19.15 35.27
CA SER K 147 -8.68 19.00 34.72
C SER K 147 -8.66 18.60 33.25
N SER K 148 -7.67 19.05 32.48
CA SER K 148 -7.66 18.88 31.00
C SER K 148 -7.73 17.43 30.53
N ASN K 149 -8.51 17.16 29.46
CA ASN K 149 -8.70 15.79 28.89
C ASN K 149 -8.87 14.76 30.01
N ASN K 150 -9.87 14.95 30.87
CA ASN K 150 -10.01 14.08 32.04
C ASN K 150 -11.43 14.13 32.59
N ASN K 151 -11.74 13.26 33.55
CA ASN K 151 -13.06 13.25 34.18
C ASN K 151 -12.95 13.65 35.65
N ILE K 152 -14.00 14.31 36.15
CA ILE K 152 -14.01 14.80 37.53
C ILE K 152 -13.64 13.79 38.59
N ALA K 153 -14.06 12.55 38.42
CA ALA K 153 -13.72 11.52 39.39
C ALA K 153 -12.19 11.34 39.46
N ARG K 154 -11.58 11.21 38.29
CA ARG K 154 -10.12 11.00 38.22
C ARG K 154 -9.42 12.25 38.74
N ILE K 155 -9.77 13.40 38.19
CA ILE K 155 -9.15 14.68 38.55
C ILE K 155 -9.08 14.81 40.07
N THR K 156 -10.20 14.50 40.73
CA THR K 156 -10.28 14.59 42.18
C THR K 156 -9.17 13.76 42.87
N GLY K 157 -8.95 12.54 42.37
CA GLY K 157 -7.92 11.69 42.95
C GLY K 157 -6.53 12.25 42.78
N MET K 158 -6.26 12.65 41.54
CA MET K 158 -4.97 13.24 41.17
C MET K 158 -4.64 14.42 42.08
N VAL K 159 -5.59 15.35 42.28
CA VAL K 159 -5.37 16.53 43.10
C VAL K 159 -5.11 16.17 44.56
N GLU K 160 -5.77 15.11 45.03
CA GLU K 160 -5.61 14.66 46.41
C GLU K 160 -4.20 14.08 46.61
N ARG K 161 -3.75 13.26 45.66
CA ARG K 161 -2.42 12.67 45.76
C ARG K 161 -1.35 13.75 45.60
N LEU K 162 -1.64 14.76 44.79
CA LEU K 162 -0.70 15.85 44.58
C LEU K 162 -0.51 16.65 45.88
N CYS K 163 -1.61 16.86 46.61
CA CYS K 163 -1.53 17.61 47.87
C CYS K 163 -0.88 16.77 49.00
N GLN K 164 -1.22 15.48 49.06
CA GLN K 164 -0.63 14.61 50.10
C GLN K 164 0.89 14.56 49.93
N ALA K 165 1.35 14.42 48.68
CA ALA K 165 2.78 14.32 48.37
C ALA K 165 3.58 15.61 48.50
N PHE K 166 3.00 16.75 48.11
CA PHE K 166 3.77 18.00 48.19
C PHE K 166 3.18 19.13 49.02
N GLY K 167 2.03 18.90 49.64
CA GLY K 167 1.42 19.95 50.44
C GLY K 167 1.61 19.79 51.93
N PRO K 168 1.48 20.89 52.69
CA PRO K 168 1.63 20.89 54.16
C PRO K 168 0.57 20.01 54.82
N ARG K 169 1.00 19.22 55.80
CA ARG K 169 0.11 18.33 56.54
C ARG K 169 -0.68 19.15 57.56
N LEU K 170 -2.00 19.05 57.51
CA LEU K 170 -2.85 19.78 58.43
C LEU K 170 -3.28 18.93 59.63
N ILE K 171 -4.49 18.38 59.61
CA ILE K 171 -4.93 17.53 60.71
C ILE K 171 -5.54 16.24 60.16
N GLN K 172 -5.75 15.26 61.04
CA GLN K 172 -6.29 13.97 60.62
C GLN K 172 -7.65 13.67 61.25
N LEU K 173 -8.62 13.27 60.44
CA LEU K 173 -9.95 12.94 60.94
C LEU K 173 -10.22 11.54 60.46
N ASP K 174 -10.44 10.61 61.39
CA ASP K 174 -10.64 9.20 61.04
C ASP K 174 -9.37 8.76 60.34
N ASP K 175 -9.48 8.21 59.13
CA ASP K 175 -8.29 7.77 58.40
C ASP K 175 -7.92 8.74 57.28
N VAL K 176 -8.45 9.96 57.33
CA VAL K 176 -8.16 10.96 56.31
C VAL K 176 -7.23 12.04 56.85
N THR K 177 -6.08 12.23 56.21
CA THR K 177 -5.13 13.26 56.61
C THR K 177 -5.24 14.40 55.60
N TYR K 178 -5.67 15.58 56.05
CA TYR K 178 -5.81 16.73 55.16
C TYR K 178 -4.49 17.46 54.97
N HIS K 179 -4.27 17.91 53.74
CA HIS K 179 -3.06 18.64 53.37
C HIS K 179 -3.40 19.98 52.71
N GLY K 180 -2.57 20.99 52.94
CA GLY K 180 -2.78 22.26 52.30
C GLY K 180 -2.33 22.08 50.85
N PHE K 181 -2.65 23.04 49.99
CA PHE K 181 -2.25 22.95 48.59
C PHE K 181 -0.74 23.25 48.47
N PRO K 182 -0.03 22.52 47.60
CA PRO K 182 1.41 22.73 47.43
C PRO K 182 1.79 24.15 47.03
N SER K 183 2.98 24.58 47.43
CA SER K 183 3.47 25.90 47.10
C SER K 183 4.16 25.84 45.74
N LEU K 184 4.45 27.01 45.18
CA LEU K 184 5.14 27.11 43.89
C LEU K 184 6.53 26.47 44.04
N GLN K 185 7.22 26.84 45.12
CA GLN K 185 8.60 26.32 45.35
C GLN K 185 8.58 24.78 45.36
N ALA K 186 7.58 24.17 46.01
CA ALA K 186 7.52 22.71 46.10
C ALA K 186 7.22 22.06 44.76
N LEU K 187 6.27 22.62 44.02
CA LEU K 187 5.90 22.06 42.73
C LEU K 187 7.06 22.24 41.73
N ALA K 188 7.91 23.22 41.99
CA ALA K 188 9.05 23.49 41.12
C ALA K 188 10.28 22.66 41.52
N GLY K 189 10.12 21.83 42.54
CA GLY K 189 11.22 21.03 43.03
C GLY K 189 11.77 19.98 42.08
N PRO K 190 12.92 19.38 42.45
CA PRO K 190 13.57 18.35 41.64
C PRO K 190 12.84 17.02 41.63
N GLU K 191 12.72 16.43 40.44
CA GLU K 191 12.06 15.16 40.24
C GLU K 191 10.56 15.14 40.56
N VAL K 192 9.92 16.30 40.56
CA VAL K 192 8.49 16.36 40.86
C VAL K 192 7.70 15.64 39.76
N GLU K 193 8.09 15.84 38.51
CA GLU K 193 7.42 15.20 37.39
C GLU K 193 7.37 13.69 37.54
N ALA K 194 8.55 13.10 37.76
CA ALA K 194 8.64 11.67 37.91
C ALA K 194 7.75 11.15 39.04
N HIS K 195 7.69 11.90 40.14
CA HIS K 195 6.81 11.48 41.26
C HIS K 195 5.36 11.52 40.83
N LEU K 196 4.98 12.62 40.23
CA LEU K 196 3.55 12.79 39.86
C LEU K 196 3.13 11.77 38.80
N ARG K 197 4.07 11.28 37.97
CA ARG K 197 3.72 10.23 36.99
C ARG K 197 3.45 8.92 37.74
N LYS K 198 4.21 8.64 38.81
CA LYS K 198 3.98 7.45 39.62
C LYS K 198 2.67 7.61 40.37
N LEU K 199 2.21 8.85 40.53
CA LEU K 199 0.95 9.14 41.21
C LEU K 199 -0.20 9.14 40.21
N GLY K 200 0.12 8.77 38.97
CA GLY K 200 -0.88 8.68 37.92
C GLY K 200 -1.42 9.93 37.25
N LEU K 201 -0.62 10.99 37.20
CA LEU K 201 -1.09 12.27 36.60
C LEU K 201 -0.97 12.21 35.07
N GLY K 202 -0.35 11.17 34.52
CA GLY K 202 -0.11 11.11 33.09
C GLY K 202 0.78 12.25 32.64
N TYR K 203 0.64 12.64 31.39
CA TYR K 203 1.45 13.72 30.82
C TYR K 203 1.29 15.06 31.54
N ARG K 204 0.23 15.21 32.33
CA ARG K 204 0.04 16.48 33.02
C ARG K 204 1.11 16.70 34.10
N ALA K 205 1.80 15.62 34.47
CA ALA K 205 2.87 15.68 35.45
C ALA K 205 3.95 16.74 35.22
N ARG K 206 4.41 16.80 33.97
CA ARG K 206 5.43 17.81 33.56
C ARG K 206 4.74 19.16 33.53
N TYR K 207 3.51 19.24 33.08
CA TYR K 207 2.74 20.47 32.91
C TYR K 207 2.83 21.15 34.27
N VAL K 208 2.63 20.38 35.33
CA VAL K 208 2.70 20.92 36.68
C VAL K 208 4.12 21.38 37.00
N SER K 209 5.09 20.52 36.76
CA SER K 209 6.48 20.87 37.03
C SER K 209 6.88 22.08 36.18
N ALA K 210 6.69 21.96 34.87
CA ALA K 210 7.02 23.03 33.94
C ALA K 210 6.39 24.39 34.24
N SER K 211 5.12 24.41 34.62
CA SER K 211 4.45 25.69 34.92
C SER K 211 4.90 26.32 36.23
N ALA K 212 5.28 25.49 37.20
CA ALA K 212 5.73 26.05 38.47
C ALA K 212 7.04 26.81 38.24
N ARG K 213 7.93 26.21 37.46
CA ARG K 213 9.23 26.83 37.16
C ARG K 213 9.11 28.10 36.32
N ALA K 214 8.26 28.05 35.30
CA ALA K 214 8.08 29.21 34.44
C ALA K 214 7.65 30.40 35.27
N ILE K 215 6.70 30.16 36.19
CA ILE K 215 6.20 31.22 37.04
C ILE K 215 7.26 31.76 37.98
N LEU K 216 8.03 30.84 38.56
CA LEU K 216 9.06 31.20 39.51
C LEU K 216 10.34 31.75 38.86
N GLU K 217 10.76 31.13 37.76
CA GLU K 217 11.99 31.54 37.09
C GLU K 217 11.88 32.45 35.86
N GLU K 218 10.68 32.64 35.31
CA GLU K 218 10.54 33.50 34.12
C GLU K 218 9.51 34.63 34.23
N GLN K 219 8.43 34.38 34.96
CA GLN K 219 7.38 35.39 35.05
C GLN K 219 7.40 36.30 36.27
N GLY K 220 8.35 36.09 37.17
CA GLY K 220 8.43 36.94 38.34
C GLY K 220 7.64 36.45 39.55
N GLY K 221 7.67 35.13 39.74
CA GLY K 221 7.00 34.51 40.88
C GLY K 221 5.52 34.74 41.12
N LEU K 222 5.10 34.40 42.33
CA LEU K 222 3.72 34.51 42.78
C LEU K 222 3.06 35.84 42.45
N ALA K 223 3.77 36.94 42.72
CA ALA K 223 3.26 38.27 42.48
C ALA K 223 2.66 38.43 41.08
N TRP K 224 3.29 37.81 40.09
CA TRP K 224 2.82 37.88 38.71
C TRP K 224 1.41 37.32 38.58
N LEU K 225 1.16 36.16 39.21
CA LEU K 225 -0.18 35.51 39.12
C LEU K 225 -1.20 36.29 39.94
N GLN K 226 -0.85 36.71 41.16
CA GLN K 226 -1.75 37.49 41.99
C GLN K 226 -2.14 38.85 41.41
N GLN K 227 -1.22 39.49 40.68
CA GLN K 227 -1.49 40.84 40.08
C GLN K 227 -2.60 40.72 39.04
N LEU K 228 -2.74 39.56 38.40
CA LEU K 228 -3.74 39.33 37.36
C LEU K 228 -5.15 39.63 37.81
N ARG K 229 -5.42 39.53 39.11
CA ARG K 229 -6.74 39.79 39.62
C ARG K 229 -7.16 41.25 39.42
N GLU K 230 -6.18 42.14 39.25
CA GLU K 230 -6.48 43.56 39.02
C GLU K 230 -6.44 43.86 37.54
N SER K 231 -5.81 42.96 36.78
CA SER K 231 -5.71 43.12 35.34
C SER K 231 -7.07 42.84 34.68
N SER K 232 -7.16 43.10 33.38
CA SER K 232 -8.40 42.88 32.64
C SER K 232 -8.50 41.43 32.18
N TYR K 233 -9.74 40.96 32.00
CA TYR K 233 -9.98 39.60 31.54
C TYR K 233 -9.10 39.31 30.33
N GLU K 234 -9.15 40.19 29.34
CA GLU K 234 -8.35 40.05 28.12
C GLU K 234 -6.89 39.85 28.45
N GLU K 235 -6.37 40.71 29.32
CA GLU K 235 -4.97 40.64 29.72
C GLU K 235 -4.70 39.34 30.47
N ALA K 236 -5.48 39.08 31.51
CA ALA K 236 -5.32 37.87 32.32
C ALA K 236 -5.30 36.59 31.49
N HIS K 237 -6.33 36.38 30.70
CA HIS K 237 -6.43 35.19 29.87
C HIS K 237 -5.18 35.08 29.00
N LYS K 238 -4.74 36.23 28.48
CA LYS K 238 -3.56 36.29 27.63
C LYS K 238 -2.31 35.82 28.40
N ALA K 239 -2.16 36.35 29.60
CA ALA K 239 -1.02 36.01 30.47
C ALA K 239 -0.96 34.51 30.82
N LEU K 240 -2.10 33.92 31.13
CA LEU K 240 -2.16 32.50 31.48
C LEU K 240 -1.84 31.53 30.35
N CYS K 241 -2.28 31.84 29.13
CA CYS K 241 -2.03 30.95 28.00
C CYS K 241 -0.56 30.62 27.78
N ILE K 242 0.33 31.39 28.39
CA ILE K 242 1.78 31.18 28.28
C ILE K 242 2.24 29.91 28.99
N LEU K 243 1.66 29.68 30.16
CA LEU K 243 1.99 28.53 31.00
C LEU K 243 1.70 27.17 30.35
N PRO K 244 2.64 26.16 30.42
CA PRO K 244 2.33 24.81 29.90
C PRO K 244 1.08 24.15 30.51
N GLY K 245 0.24 23.55 29.66
CA GLY K 245 -0.99 22.91 30.14
C GLY K 245 -2.13 23.90 30.36
N VAL K 246 -1.94 25.18 29.99
CA VAL K 246 -2.96 26.25 30.28
C VAL K 246 -3.47 26.93 28.99
N GLY K 247 -4.07 26.18 28.06
CA GLY K 247 -4.68 26.80 26.86
C GLY K 247 -5.97 27.58 27.15
N THR K 248 -6.82 27.78 26.14
CA THR K 248 -8.01 28.67 26.30
C THR K 248 -9.01 28.17 27.37
N GLN K 249 -9.32 26.87 27.43
CA GLN K 249 -10.37 26.41 28.38
C GLN K 249 -9.88 26.56 29.81
N VAL K 250 -8.63 26.17 30.06
CA VAL K 250 -8.05 26.20 31.41
C VAL K 250 -7.90 27.64 31.87
N ALA K 251 -7.42 28.50 30.96
CA ALA K 251 -7.23 29.92 31.27
C ALA K 251 -8.54 30.57 31.69
N ASP K 252 -9.62 30.27 30.96
CA ASP K 252 -10.93 30.82 31.29
C ASP K 252 -11.39 30.33 32.65
N CYS K 253 -11.19 29.04 32.93
CA CYS K 253 -11.56 28.46 34.23
C CYS K 253 -10.91 29.27 35.37
N ILE K 254 -9.63 29.54 35.23
CA ILE K 254 -8.88 30.30 36.24
C ILE K 254 -9.36 31.73 36.34
N CYS K 255 -9.58 32.39 35.20
CA CYS K 255 -10.05 33.78 35.20
C CYS K 255 -11.36 33.91 35.94
N LEU K 256 -12.29 33.00 35.63
CA LEU K 256 -13.62 32.99 36.24
C LEU K 256 -13.65 32.60 37.71
N MET K 257 -12.93 31.54 38.05
CA MET K 257 -12.96 31.04 39.42
C MET K 257 -11.89 31.52 40.40
N ALA K 258 -10.81 32.09 39.91
CA ALA K 258 -9.75 32.56 40.80
C ALA K 258 -9.25 33.99 40.60
N LEU K 259 -9.64 34.64 39.51
CA LEU K 259 -9.19 36.00 39.23
C LEU K 259 -10.28 37.08 39.13
N ASP K 260 -11.48 36.72 39.55
CA ASP K 260 -12.62 37.62 39.53
C ASP K 260 -13.01 38.15 38.16
N LYS K 261 -13.02 37.28 37.15
CA LYS K 261 -13.43 37.69 35.81
C LYS K 261 -14.76 36.97 35.57
N PRO K 262 -15.85 37.51 36.14
CA PRO K 262 -17.19 36.93 36.01
C PRO K 262 -17.78 36.77 34.60
N GLN K 263 -17.15 37.40 33.59
CA GLN K 263 -17.66 37.28 32.22
C GLN K 263 -16.93 36.18 31.47
N ALA K 264 -15.94 35.57 32.11
CA ALA K 264 -15.13 34.48 31.49
C ALA K 264 -15.89 33.14 31.30
N VAL K 265 -16.15 32.70 30.04
CA VAL K 265 -17.00 31.49 29.74
C VAL K 265 -16.15 30.31 29.28
N PRO K 266 -16.01 29.23 30.11
CA PRO K 266 -15.33 28.02 29.65
C PRO K 266 -16.13 27.37 28.53
N VAL K 267 -15.45 26.70 27.61
CA VAL K 267 -16.04 26.11 26.39
C VAL K 267 -15.59 24.66 26.21
N ASP K 268 -15.87 23.76 27.13
CA ASP K 268 -15.41 22.38 27.13
C ASP K 268 -16.41 21.56 26.32
N VAL K 269 -16.31 20.24 26.42
CA VAL K 269 -17.22 19.36 25.70
C VAL K 269 -18.67 19.58 26.19
N HIS K 270 -18.84 19.78 27.49
CA HIS K 270 -20.17 19.99 28.07
C HIS K 270 -20.87 21.22 27.53
N MET K 271 -20.18 22.36 27.52
CA MET K 271 -20.79 23.58 27.02
C MET K 271 -20.84 23.36 25.51
N TRP K 272 -19.96 22.53 24.91
CA TRP K 272 -20.14 22.34 23.44
C TRP K 272 -21.52 21.73 23.19
N HIS K 273 -21.82 20.56 23.78
CA HIS K 273 -23.17 20.03 23.69
C HIS K 273 -24.39 20.84 24.09
N ILE K 274 -24.24 21.63 25.15
CA ILE K 274 -25.33 22.46 25.63
C ILE K 274 -25.73 23.48 24.56
N ALA K 275 -24.73 24.12 23.96
CA ALA K 275 -24.96 25.11 22.93
C ALA K 275 -25.73 24.47 21.77
N GLN K 276 -25.24 23.32 21.32
CA GLN K 276 -25.87 22.61 20.21
C GLN K 276 -27.30 22.13 20.41
N ARG K 277 -27.56 21.43 21.52
CA ARG K 277 -28.91 20.92 21.72
C ARG K 277 -29.90 21.87 22.39
N ASP K 278 -29.42 22.81 23.20
CA ASP K 278 -30.34 23.71 23.88
C ASP K 278 -30.52 25.10 23.26
N TYR K 279 -29.68 25.45 22.28
CA TYR K 279 -29.79 26.74 21.62
C TYR K 279 -29.67 26.60 20.10
N SER K 280 -29.48 25.36 19.64
CA SER K 280 -29.34 25.07 18.22
C SER K 280 -28.22 25.92 17.61
N TRP K 281 -27.21 26.22 18.41
CA TRP K 281 -26.09 27.06 18.00
C TRP K 281 -25.11 26.41 17.03
N HIS K 282 -24.54 27.24 16.17
CA HIS K 282 -23.56 26.80 15.18
C HIS K 282 -22.61 27.96 14.90
N PRO K 283 -21.33 27.66 14.59
CA PRO K 283 -20.35 28.71 14.31
C PRO K 283 -20.74 29.48 13.04
N THR K 284 -20.52 30.79 13.02
CA THR K 284 -20.84 31.60 11.84
C THR K 284 -19.62 32.34 11.33
N THR K 285 -18.82 32.87 12.26
CA THR K 285 -17.61 33.60 11.91
C THR K 285 -16.48 32.59 11.73
N SER K 286 -16.67 31.44 12.33
CA SER K 286 -15.57 30.47 12.25
C SER K 286 -15.57 29.76 10.91
N GLN K 287 -14.55 28.94 10.72
CA GLN K 287 -14.44 28.11 9.54
C GLN K 287 -15.04 26.72 9.79
N ALA K 288 -14.45 26.01 10.76
CA ALA K 288 -14.87 24.66 11.12
C ALA K 288 -16.30 24.58 11.66
N LYS K 289 -16.91 23.41 11.59
CA LYS K 289 -18.27 23.26 12.20
C LYS K 289 -18.11 22.63 13.58
N GLY K 290 -16.90 22.18 13.91
CA GLY K 290 -16.69 21.52 15.19
C GLY K 290 -15.77 22.33 16.07
N PRO K 291 -15.42 21.82 17.26
CA PRO K 291 -14.53 22.53 18.19
C PRO K 291 -13.17 22.84 17.57
N SER K 292 -12.75 24.09 17.71
CA SER K 292 -11.48 24.57 17.18
C SER K 292 -11.17 25.81 17.98
N PRO K 293 -9.91 26.26 17.99
CA PRO K 293 -9.64 27.47 18.77
C PRO K 293 -10.45 28.75 18.60
N GLN K 294 -10.98 28.95 17.38
CA GLN K 294 -11.79 30.16 17.06
C GLN K 294 -13.28 29.88 17.23
N THR K 295 -13.76 28.66 16.93
CA THR K 295 -15.18 28.30 17.20
C THR K 295 -15.37 28.31 18.71
N ASN K 296 -14.36 27.84 19.45
CA ASN K 296 -14.46 27.88 20.90
C ASN K 296 -14.53 29.32 21.34
N LYS K 297 -13.70 30.17 20.73
CA LYS K 297 -13.70 31.57 21.11
C LYS K 297 -15.05 32.20 20.75
N GLU K 298 -15.61 31.81 19.61
CA GLU K 298 -16.90 32.36 19.21
C GLU K 298 -18.00 31.94 20.18
N LEU K 299 -18.04 30.67 20.54
CA LEU K 299 -19.05 30.17 21.47
C LEU K 299 -19.02 30.99 22.76
N GLY K 300 -17.82 31.33 23.21
CA GLY K 300 -17.68 32.12 24.43
C GLY K 300 -18.35 33.47 24.31
N ASN K 301 -18.15 34.15 23.19
CA ASN K 301 -18.76 35.46 22.98
C ASN K 301 -20.27 35.32 22.86
N PHE K 302 -20.70 34.23 22.25
CA PHE K 302 -22.13 33.97 22.11
C PHE K 302 -22.73 33.96 23.50
N PHE K 303 -22.15 33.18 24.40
CA PHE K 303 -22.69 33.12 25.77
C PHE K 303 -22.60 34.47 26.47
N ARG K 304 -21.53 35.21 26.20
CA ARG K 304 -21.38 36.52 26.83
C ARG K 304 -22.45 37.49 26.35
N SER K 305 -22.78 37.46 25.06
CA SER K 305 -23.79 38.38 24.57
C SER K 305 -25.19 37.93 24.97
N LEU K 306 -25.33 36.66 25.35
CA LEU K 306 -26.61 36.13 25.78
C LEU K 306 -26.92 36.44 27.25
N TRP K 307 -25.95 36.21 28.13
CA TRP K 307 -26.16 36.41 29.56
C TRP K 307 -25.58 37.68 30.18
N GLY K 308 -24.62 38.31 29.52
CA GLY K 308 -24.06 39.53 30.08
C GLY K 308 -22.76 39.41 30.86
N PRO K 309 -22.47 40.38 31.73
CA PRO K 309 -21.28 40.50 32.60
C PRO K 309 -20.95 39.30 33.48
N TYR K 310 -21.97 38.62 33.99
CA TYR K 310 -21.77 37.45 34.84
C TYR K 310 -22.08 36.17 34.08
N ALA K 311 -21.78 36.18 32.78
CA ALA K 311 -22.03 35.03 31.91
C ALA K 311 -21.35 33.76 32.41
N GLY K 312 -20.15 33.90 32.98
CA GLY K 312 -19.43 32.74 33.48
C GLY K 312 -20.19 32.06 34.60
N TRP K 313 -20.85 32.84 35.45
CA TRP K 313 -21.62 32.29 36.55
C TRP K 313 -22.85 31.55 36.01
N ALA K 314 -23.48 32.08 34.95
CA ALA K 314 -24.63 31.41 34.36
C ALA K 314 -24.15 30.08 33.77
N GLN K 315 -22.93 30.10 33.22
CA GLN K 315 -22.32 28.91 32.64
C GLN K 315 -22.19 27.83 33.73
N ALA K 316 -21.77 28.25 34.92
CA ALA K 316 -21.59 27.34 36.06
C ALA K 316 -22.87 26.61 36.42
N VAL K 317 -24.01 27.27 36.23
CA VAL K 317 -25.30 26.67 36.54
C VAL K 317 -25.65 25.56 35.54
N LEU K 318 -25.56 25.86 34.25
CA LEU K 318 -25.89 24.84 33.26
C LEU K 318 -24.88 23.68 33.26
N PHE K 319 -23.62 24.00 33.55
CA PHE K 319 -22.59 22.96 33.58
C PHE K 319 -22.91 21.98 34.72
N SER K 320 -23.20 22.52 35.90
CA SER K 320 -23.54 21.70 37.05
C SER K 320 -24.78 20.86 36.73
N ALA K 321 -25.79 21.49 36.15
CA ALA K 321 -27.02 20.78 35.79
C ALA K 321 -26.75 19.69 34.74
N ASP K 322 -25.87 19.95 33.79
CA ASP K 322 -25.57 18.95 32.77
C ASP K 322 -24.84 17.75 33.36
N LEU K 323 -24.14 17.93 34.47
CA LEU K 323 -23.45 16.81 35.10
C LEU K 323 -24.48 15.81 35.65
N ARG K 324 -25.63 16.32 36.08
CA ARG K 324 -26.73 15.50 36.60
C ARG K 324 -27.52 14.94 35.41
#